data_9AST
#
_entry.id   9AST
#
_cell.length_a   1.00
_cell.length_b   1.00
_cell.length_c   1.00
_cell.angle_alpha   90.00
_cell.angle_beta   90.00
_cell.angle_gamma   90.00
#
_symmetry.space_group_name_H-M   'P 1'
#
loop_
_entity.id
_entity.type
_entity.pdbx_description
1 polymer 'Guanine nucleotide-binding protein G(i) subunit alpha-1'
2 polymer Lymphotactin
3 polymer 'Chemokine XC receptor 1,Non structural polyprotein'
4 polymer 'Guanine nucleotide-binding protein G(I)/G(S)/G(T) subunit beta-1'
5 polymer 'Guanine nucleotide-binding protein G(I)/G(S)/G(O) subunit gamma-2'
6 polymer scFv16
#
loop_
_entity_poly.entity_id
_entity_poly.type
_entity_poly.pdbx_seq_one_letter_code
_entity_poly.pdbx_strand_id
1 'polypeptide(L)'
;MGCTLSAEDKAAVERSKMIDRNLREDGEKAAREVKLLLLGAGESGKNTIVKQMKIIHEAGYSEEECKQYKAVVYSNTIQS
IIAIIRAMGRLKIDFGDSARADDARQLFVLAGAAEEGFMTAELAGVIKRLWKDSGVQACFNRSREYQLNDSAAYYLNDLD
RIAQPNYIPTQQDVLRTRVKTTGIVETHFTFKDLHFKMFDVGAQRSERKKWIHCFEGVTAIIFCVALSDYDLVLAEDEEM
NRMHASMKLFDSICNNKWFTDTSIILFLNKKDLFEEKIKKSPLTICYPEYAGSNTYEEAAAYIQCQFEDLNKRKDTKEIY
THFTCSTDTKNVQFVFDAVTDVIIKNNLKDCGLF
;
A
2 'polypeptide(L)'
;VGSEVSDKRTCVSLTTQRLPCSRIKTYTITEGSLRAVIFITKRGLKVCADPQATWVRDCVRSMDRKSNTRNNMIQTKPTG
TQQSTNTAVTLTGGSGSGSGSGSGSGSGSGSGSGSLEVLFQGPDYKDDDDKGS
;
L
3 'polypeptide(L)'
;ESSGNPESTTFFYYDLQSQPCENQAWVFATLATTVLYCLVFLLSLVGNSLVLWVLVKYESLESLTNIFILNLCLSDLVFA
CLLPVWISPYHWGWVLGDFLCKLLNMIFSISLYSSIFFLTIMTIHRYLSVVSPLSTLRVPTLRCRVLVTMAVWVASILSS
ILDTIFHKVLSSGCDYSELTWYLTSVYQHNLFFLLSLGIILFCYVEILRTLFRSRSKRRHRTVKLIFAIVVAYFLSWGPY
NFTLFLQTLFRTQIIRSCEAKQQLEYALLICRNLAFSHCCFNPVLYVFVGVKFRTHLKHVLRQFWFCRLQAPSPASIPHS
PGAFAYEGASFYGSVFTLEDFVGDWEQTAAYNLDQVLEQGGVSSLLQNLAVSVTPIQRIVRSGENALKIDIHVIIPYEGL
SADQMAQIEEVFKVVYPVDDHHFKVILPYGTLVIDGVTPNMLNYFGRPYEGIAVFDGKKITVTGTLWNGNKIIDERLITP
DGSMLFRVTINSGGSGHHHHHHHHWSHPQFEKGGGSGGGSGGSAWSHPQFEK
;
R
4 'polypeptide(L)'
;MHHHHHHGSLLQSELDQLRQEAEQLKNQIRDARKACADATLSQITNNIDPVGRIQMRTRRTLRGHLAKIYAMHWGTDSRL
LVSASQDGKLIIWDSYTTNKVHAIPLRSSWVMTCAYAPSGNYVACGGLDNICSIYNLKTREGNVRVSRELAGHTGYLSCC
RFLDDNQIVTSSGDTTCALWDIETGQQTTTFTGHTGDVMSLSLAPDTRLFVSGACDASAKLWDVREGMCRQTFTGHESDI
NAICFFPNGNAFATGSDDATCRLFDLRADQELMTYSHDNIICGITSVSFSKSGRLLLAGYDDFNCNVWDALKADRAGVLA
GHDNRVSCLGVTDDGMAVATGSWDSFLKIWN
;
B
5 'polypeptide(L)' MASNNTASIAQARKLVQQLKMEANIDRIKVSKAAADLMAYCEAHAKEDPLLTPVPASQNPFREKKFFCAIL G
6 'polypeptide(L)'
;VQLVESGGGLVQPGGSRKLSCSASGFAFSSFGMHWVRQAPEKGLEWVAYISSGSGTIYYADTVKGRFTISRDDPKNTLFL
QMTSLRSEDTAMYYCVRSIYYYGSSPFDFWGQGTTLTVSAGGGGSGGGGSGGGGSADIVMTQATSSVPVTPGESVSISCR
SSKSLLHSNGNTYLYWFLQRPGQSPQLLIYRMSNLASGVPDRFSGSGSGTAFTLTISRLEAEDVGVYYCMQHLEYPLTFG
AGTKLELLEENLYFQGASHHHHHHHH
;
E
#
# COMPACT_ATOMS: atom_id res chain seq x y z
N THR A 4 -6.79 6.95 -26.88
CA THR A 4 -6.83 6.26 -25.59
C THR A 4 -6.91 7.27 -24.44
N LEU A 5 -5.90 8.11 -24.32
CA LEU A 5 -5.83 9.11 -23.27
C LEU A 5 -5.56 10.48 -23.88
N SER A 6 -6.15 11.51 -23.27
CA SER A 6 -5.89 12.89 -23.65
C SER A 6 -4.56 13.33 -23.03
N ALA A 7 -4.17 14.57 -23.28
CA ALA A 7 -2.95 15.10 -22.67
C ALA A 7 -3.10 15.20 -21.16
N GLU A 8 -4.26 15.65 -20.69
CA GLU A 8 -4.48 15.81 -19.26
C GLU A 8 -4.45 14.46 -18.55
N ASP A 9 -5.03 13.42 -19.16
CA ASP A 9 -4.97 12.09 -18.57
C ASP A 9 -3.54 11.59 -18.48
N LYS A 10 -2.74 11.84 -19.52
CA LYS A 10 -1.34 11.43 -19.49
C LYS A 10 -0.57 12.13 -18.39
N ALA A 11 -0.82 13.44 -18.21
CA ALA A 11 -0.14 14.17 -17.15
C ALA A 11 -0.60 13.68 -15.78
N ALA A 12 -1.87 13.30 -15.65
CA ALA A 12 -2.35 12.72 -14.41
C ALA A 12 -1.64 11.40 -14.12
N VAL A 13 -1.44 10.58 -15.15
CA VAL A 13 -0.73 9.32 -14.97
C VAL A 13 0.71 9.57 -14.54
N GLU A 14 1.36 10.59 -15.13
CA GLU A 14 2.72 10.94 -14.71
C GLU A 14 2.76 11.39 -13.26
N ARG A 15 1.78 12.19 -12.84
CA ARG A 15 1.71 12.62 -11.45
C ARG A 15 1.51 11.44 -10.51
N SER A 16 0.65 10.48 -10.89
CA SER A 16 0.47 9.28 -10.08
C SER A 16 1.75 8.48 -9.99
N LYS A 17 2.48 8.35 -11.10
CA LYS A 17 3.74 7.62 -11.11
C LYS A 17 4.82 8.28 -10.29
N MET A 18 4.83 9.61 -10.21
CA MET A 18 5.74 10.31 -9.30
C MET A 18 5.34 10.15 -7.84
N ILE A 19 4.04 10.17 -7.55
CA ILE A 19 3.58 9.88 -6.19
C ILE A 19 4.04 8.49 -5.77
N ASP A 20 3.94 7.51 -6.68
CA ASP A 20 4.38 6.16 -6.37
C ASP A 20 5.87 6.11 -6.08
N ARG A 21 6.68 6.83 -6.87
CA ARG A 21 8.12 6.85 -6.63
C ARG A 21 8.45 7.45 -5.28
N ASN A 22 7.80 8.56 -4.93
CA ASN A 22 8.06 9.17 -3.63
C ASN A 22 7.62 8.26 -2.50
N LEU A 23 6.50 7.55 -2.68
CA LEU A 23 6.04 6.60 -1.67
C LEU A 23 7.06 5.47 -1.48
N ARG A 24 7.60 4.94 -2.58
CA ARG A 24 8.61 3.89 -2.47
C ARG A 24 9.86 4.39 -1.76
N GLU A 25 10.29 5.61 -2.09
CA GLU A 25 11.46 6.18 -1.42
C GLU A 25 11.21 6.36 0.07
N ASP A 26 10.02 6.85 0.45
CA ASP A 26 9.69 7.02 1.86
C ASP A 26 9.66 5.68 2.59
N GLY A 27 9.08 4.66 1.95
CA GLY A 27 9.06 3.34 2.57
C GLY A 27 10.45 2.75 2.74
N GLU A 28 11.30 2.92 1.73
CA GLU A 28 12.68 2.43 1.84
C GLU A 28 13.43 3.14 2.96
N LYS A 29 13.23 4.46 3.09
CA LYS A 29 13.87 5.19 4.18
C LYS A 29 13.34 4.73 5.54
N ALA A 30 12.03 4.50 5.63
CA ALA A 30 11.44 4.12 6.91
C ALA A 30 11.83 2.71 7.32
N ALA A 31 12.08 1.82 6.35
CA ALA A 31 12.47 0.45 6.68
C ALA A 31 13.80 0.38 7.41
N ARG A 32 14.62 1.44 7.33
CA ARG A 32 15.90 1.44 8.02
C ARG A 32 15.74 1.61 9.53
N GLU A 33 14.70 2.34 9.95
CA GLU A 33 14.49 2.58 11.37
C GLU A 33 14.12 1.29 12.10
N VAL A 34 14.33 1.30 13.42
CA VAL A 34 14.03 0.16 14.28
C VAL A 34 12.90 0.57 15.21
N LYS A 35 11.85 -0.25 15.26
CA LYS A 35 10.67 0.01 16.08
C LYS A 35 10.85 -0.68 17.42
N LEU A 36 10.71 0.08 18.50
CA LEU A 36 10.85 -0.44 19.87
C LEU A 36 9.67 0.04 20.71
N LEU A 37 8.83 -0.90 21.12
CA LEU A 37 7.77 -0.58 22.07
C LEU A 37 8.33 -0.66 23.49
N LEU A 38 7.89 0.27 24.35
CA LEU A 38 8.26 0.26 25.77
C LEU A 38 6.96 0.19 26.56
N LEU A 39 6.61 -1.08 26.86
CA LEU A 39 5.38 -1.40 27.61
C LEU A 39 5.81 -1.78 29.02
N GLY A 40 6.35 -0.85 29.77
CA GLY A 40 6.74 -1.15 31.12
C GLY A 40 5.54 -1.18 32.06
N ALA A 41 5.80 -1.67 33.27
CA ALA A 41 4.78 -1.71 34.30
C ALA A 41 4.72 -0.36 35.02
N GLY A 42 3.69 -0.18 35.85
CA GLY A 42 3.54 1.06 36.59
C GLY A 42 4.59 1.17 37.69
N GLU A 43 5.25 2.33 37.73
CA GLU A 43 6.32 2.61 38.69
C GLU A 43 7.41 1.51 38.62
N SER A 44 7.83 1.21 37.39
CA SER A 44 8.79 0.15 37.14
C SER A 44 10.05 0.74 36.48
N GLY A 45 10.39 1.96 36.91
CA GLY A 45 11.61 2.60 36.45
C GLY A 45 11.65 2.92 34.96
N LYS A 46 10.50 3.28 34.39
CA LYS A 46 10.48 3.72 33.00
C LYS A 46 11.24 5.02 32.83
N ASN A 47 11.16 5.92 33.82
CA ASN A 47 11.92 7.16 33.77
C ASN A 47 13.41 6.88 33.70
N THR A 48 13.86 5.86 34.44
CA THR A 48 15.27 5.49 34.41
C THR A 48 15.70 4.98 33.04
N ILE A 49 14.85 4.16 32.41
CA ILE A 49 15.24 3.55 31.14
C ILE A 49 15.15 4.55 29.99
N VAL A 50 14.26 5.53 30.07
CA VAL A 50 14.23 6.59 29.06
C VAL A 50 15.19 7.73 29.39
N LYS A 51 15.77 7.74 30.60
CA LYS A 51 16.74 8.75 30.96
C LYS A 51 17.99 8.68 30.09
N GLN A 52 18.29 7.51 29.55
CA GLN A 52 19.45 7.32 28.68
C GLN A 52 19.03 7.37 27.22
N MET A 53 19.76 8.15 26.43
CA MET A 53 19.54 8.18 24.98
C MET A 53 20.84 8.22 24.19
N LYS A 54 21.99 8.11 24.86
CA LYS A 54 23.27 8.16 24.18
C LYS A 54 23.76 6.77 23.78
N THR A 182 -0.34 14.11 23.72
CA THR A 182 -0.75 13.66 25.04
C THR A 182 -1.01 12.16 25.05
N GLY A 183 -0.75 11.51 23.92
CA GLY A 183 -0.96 10.08 23.79
C GLY A 183 0.35 9.31 23.70
N ILE A 184 0.73 8.92 22.50
CA ILE A 184 1.97 8.19 22.29
C ILE A 184 3.13 9.17 22.36
N VAL A 185 4.14 8.83 23.18
CA VAL A 185 5.34 9.63 23.32
C VAL A 185 6.47 8.90 22.60
N GLU A 186 7.11 9.59 21.67
CA GLU A 186 8.09 8.98 20.77
C GLU A 186 9.46 9.57 21.04
N THR A 187 10.47 8.70 21.15
CA THR A 187 11.86 9.10 21.37
C THR A 187 12.70 8.58 20.21
N HIS A 188 13.50 9.46 19.63
CA HIS A 188 14.35 9.13 18.49
C HIS A 188 15.80 9.35 18.87
N PHE A 189 16.55 8.26 19.02
CA PHE A 189 17.97 8.31 19.32
C PHE A 189 18.72 7.35 18.41
N THR A 190 19.98 7.66 18.17
CA THR A 190 20.83 6.86 17.29
C THR A 190 22.00 6.30 18.09
N PHE A 191 22.45 5.11 17.71
CA PHE A 191 23.58 4.44 18.35
C PHE A 191 24.25 3.54 17.32
N LYS A 192 25.54 3.78 17.09
CA LYS A 192 26.33 3.01 16.13
C LYS A 192 25.69 3.03 14.74
N ASP A 193 25.27 4.23 14.32
CA ASP A 193 24.69 4.45 12.98
C ASP A 193 23.46 3.57 12.76
N LEU A 194 22.61 3.47 13.78
CA LEU A 194 21.34 2.78 13.69
C LEU A 194 20.30 3.61 14.43
N HIS A 195 19.28 4.07 13.70
CA HIS A 195 18.28 4.96 14.28
C HIS A 195 17.20 4.15 14.97
N PHE A 196 16.98 4.45 16.24
CA PHE A 196 15.98 3.77 17.07
C PHE A 196 14.80 4.69 17.33
N LYS A 197 13.59 4.16 17.13
CA LYS A 197 12.36 4.87 17.43
C LYS A 197 11.63 4.14 18.55
N MET A 198 11.49 4.78 19.70
CA MET A 198 10.96 4.17 20.90
C MET A 198 9.59 4.78 21.21
N PHE A 199 8.59 3.92 21.44
CA PHE A 199 7.20 4.33 21.60
C PHE A 199 6.75 4.05 23.03
N ASP A 200 6.60 5.10 23.82
CA ASP A 200 6.05 4.98 25.17
C ASP A 200 4.55 5.18 25.08
N VAL A 201 3.80 4.12 25.40
CA VAL A 201 2.35 4.12 25.25
C VAL A 201 1.65 4.08 26.60
N GLY A 202 2.37 4.31 27.69
CA GLY A 202 1.79 4.24 29.01
C GLY A 202 0.78 5.32 29.36
N ALA A 203 0.63 6.33 28.50
CA ALA A 203 -0.34 7.39 28.74
C ALA A 203 -1.75 7.02 28.31
N GLN A 204 -1.93 5.88 27.64
CA GLN A 204 -3.25 5.43 27.22
C GLN A 204 -3.95 4.74 28.39
N ARG A 205 -5.11 5.26 28.78
CA ARG A 205 -5.89 4.70 29.87
C ARG A 205 -7.01 3.77 29.40
N SER A 206 -7.11 3.53 28.09
CA SER A 206 -8.17 2.71 27.53
C SER A 206 -7.76 1.23 27.55
N GLU A 207 -8.53 0.39 26.88
CA GLU A 207 -8.23 -1.03 26.82
C GLU A 207 -7.02 -1.28 25.94
N ARG A 208 -6.10 -2.13 26.42
CA ARG A 208 -4.89 -2.42 25.67
C ARG A 208 -5.17 -3.26 24.45
N LYS A 209 -6.20 -4.10 24.50
CA LYS A 209 -6.46 -5.03 23.41
C LYS A 209 -6.87 -4.31 22.13
N LYS A 210 -7.55 -3.17 22.25
CA LYS A 210 -8.12 -2.53 21.08
C LYS A 210 -7.04 -1.91 20.20
N TRP A 211 -5.95 -1.41 20.80
CA TRP A 211 -4.88 -0.79 20.04
C TRP A 211 -3.56 -1.56 20.11
N ILE A 212 -3.56 -2.76 20.70
CA ILE A 212 -2.33 -3.54 20.79
C ILE A 212 -1.92 -4.11 19.44
N HIS A 213 -2.86 -4.27 18.51
CA HIS A 213 -2.53 -4.79 17.19
C HIS A 213 -1.89 -3.75 16.28
N CYS A 214 -1.95 -2.47 16.66
CA CYS A 214 -1.28 -1.43 15.90
C CYS A 214 0.24 -1.58 15.94
N PHE A 215 0.76 -2.30 16.93
CA PHE A 215 2.19 -2.39 17.15
C PHE A 215 2.80 -3.71 16.69
N GLU A 216 2.03 -4.58 16.04
CA GLU A 216 2.62 -5.80 15.50
C GLU A 216 3.59 -5.44 14.38
N GLY A 217 4.72 -6.12 14.35
CA GLY A 217 5.79 -5.79 13.44
C GLY A 217 6.94 -5.01 14.07
N VAL A 218 6.86 -4.71 15.36
CA VAL A 218 7.98 -4.06 16.03
C VAL A 218 9.15 -5.03 16.15
N THR A 219 10.36 -4.47 16.13
CA THR A 219 11.54 -5.31 16.25
C THR A 219 11.61 -5.97 17.63
N ALA A 220 11.37 -5.20 18.68
CA ALA A 220 11.47 -5.71 20.04
C ALA A 220 10.49 -4.96 20.93
N ILE A 221 10.22 -5.54 22.10
CA ILE A 221 9.35 -4.96 23.11
C ILE A 221 10.17 -4.84 24.38
N ILE A 222 10.54 -3.61 24.74
CA ILE A 222 11.32 -3.38 25.95
C ILE A 222 10.37 -3.40 27.15
N PHE A 223 10.66 -4.26 28.12
CA PHE A 223 9.83 -4.43 29.31
C PHE A 223 10.69 -4.11 30.53
N CYS A 224 10.12 -3.37 31.47
CA CYS A 224 10.83 -2.95 32.67
C CYS A 224 10.05 -3.37 33.91
N VAL A 225 10.76 -4.01 34.84
CA VAL A 225 10.14 -4.41 36.13
C VAL A 225 11.03 -3.87 37.25
N ALA A 226 10.45 -3.66 38.43
CA ALA A 226 11.21 -3.12 39.58
C ALA A 226 11.53 -4.22 40.58
N LEU A 227 12.81 -4.54 40.76
CA LEU A 227 13.24 -5.61 41.71
C LEU A 227 12.96 -5.17 43.15
N SER A 228 12.81 -3.88 43.39
CA SER A 228 12.66 -3.38 44.77
C SER A 228 11.18 -3.28 45.13
N ASP A 229 10.32 -3.84 44.29
CA ASP A 229 8.87 -3.67 44.53
C ASP A 229 8.30 -5.02 44.98
N TYR A 230 9.19 -5.95 45.35
CA TYR A 230 8.74 -7.28 45.85
C TYR A 230 7.99 -7.07 47.16
N ASP A 231 8.50 -6.18 48.01
CA ASP A 231 7.87 -5.92 49.32
C ASP A 231 6.73 -4.91 49.18
N LEU A 232 6.97 -3.80 48.48
CA LEU A 232 5.92 -2.76 48.38
C LEU A 232 4.72 -3.40 47.68
N VAL A 233 3.50 -3.14 48.18
CA VAL A 233 2.29 -3.81 47.64
C VAL A 233 1.35 -2.77 47.02
N MET A 240 -2.59 -5.72 46.66
CA MET A 240 -1.99 -6.34 45.49
C MET A 240 -0.51 -6.00 45.37
N ASN A 241 0.34 -7.03 45.47
CA ASN A 241 1.77 -6.83 45.32
C ASN A 241 2.11 -6.42 43.89
N ARG A 242 3.05 -5.50 43.75
CA ARG A 242 3.43 -5.00 42.43
C ARG A 242 4.06 -6.11 41.58
N MET A 243 4.87 -6.97 42.20
CA MET A 243 5.59 -7.98 41.45
C MET A 243 4.63 -8.97 40.78
N HIS A 244 3.58 -9.37 41.48
CA HIS A 244 2.61 -10.28 40.90
C HIS A 244 1.87 -9.63 39.73
N ALA A 245 1.54 -8.34 39.87
CA ALA A 245 0.90 -7.62 38.77
C ALA A 245 1.82 -7.55 37.56
N SER A 246 3.11 -7.30 37.78
CA SER A 246 4.06 -7.32 36.69
C SER A 246 4.13 -8.70 36.04
N MET A 247 4.04 -9.76 36.85
CA MET A 247 4.04 -11.11 36.31
C MET A 247 2.82 -11.34 35.41
N LYS A 248 1.64 -10.91 35.85
CA LYS A 248 0.45 -11.05 35.02
C LYS A 248 0.58 -10.27 33.73
N LEU A 249 1.13 -9.05 33.81
CA LEU A 249 1.30 -8.25 32.60
C LEU A 249 2.27 -8.92 31.63
N PHE A 250 3.38 -9.44 32.14
CA PHE A 250 4.35 -10.13 31.31
C PHE A 250 3.74 -11.37 30.66
N ASP A 251 2.96 -12.13 31.43
CA ASP A 251 2.28 -13.29 30.86
C ASP A 251 1.26 -12.89 29.80
N SER A 252 0.59 -11.75 30.00
CA SER A 252 -0.39 -11.29 29.03
C SER A 252 0.26 -10.91 27.71
N ILE A 253 1.41 -10.22 27.76
CA ILE A 253 2.03 -9.79 26.51
C ILE A 253 2.95 -10.83 25.88
N CYS A 254 3.45 -11.80 26.65
CA CYS A 254 4.33 -12.81 26.09
C CYS A 254 3.55 -13.85 25.30
N ASN A 255 2.33 -14.16 25.72
CA ASN A 255 1.48 -15.15 25.07
C ASN A 255 0.43 -14.51 24.18
N ASN A 256 0.59 -13.22 23.85
CA ASN A 256 -0.39 -12.52 23.05
C ASN A 256 -0.44 -13.07 21.63
N LYS A 257 -1.58 -12.87 20.97
CA LYS A 257 -1.78 -13.41 19.63
C LYS A 257 -0.83 -12.77 18.61
N TRP A 258 -0.61 -11.45 18.73
CA TRP A 258 0.17 -10.73 17.73
C TRP A 258 1.68 -10.80 17.97
N PHE A 259 2.12 -11.19 19.16
CA PHE A 259 3.52 -11.10 19.55
C PHE A 259 4.18 -12.47 19.69
N THR A 260 3.82 -13.40 18.79
CA THR A 260 4.41 -14.73 18.83
C THR A 260 5.87 -14.70 18.40
N ASP A 261 6.20 -13.91 17.39
CA ASP A 261 7.54 -13.88 16.82
C ASP A 261 8.23 -12.54 17.06
N THR A 262 7.83 -11.82 18.09
CA THR A 262 8.42 -10.54 18.46
C THR A 262 9.19 -10.73 19.76
N SER A 263 10.50 -10.52 19.71
CA SER A 263 11.34 -10.71 20.88
C SER A 263 11.03 -9.66 21.93
N ILE A 264 11.24 -10.02 23.19
CA ILE A 264 10.99 -9.13 24.32
C ILE A 264 12.28 -8.99 25.13
N ILE A 265 12.71 -7.75 25.32
CA ILE A 265 13.87 -7.45 26.15
C ILE A 265 13.38 -7.07 27.54
N LEU A 266 13.96 -7.67 28.57
CA LEU A 266 13.54 -7.47 29.95
C LEU A 266 14.65 -6.77 30.71
N PHE A 267 14.32 -5.63 31.32
CA PHE A 267 15.24 -4.87 32.15
C PHE A 267 14.84 -5.04 33.61
N LEU A 268 15.81 -5.40 34.45
CA LEU A 268 15.60 -5.54 35.89
C LEU A 268 16.33 -4.37 36.55
N ASN A 269 15.64 -3.24 36.67
CA ASN A 269 16.25 -2.01 37.17
C ASN A 269 15.93 -1.82 38.65
N LYS A 270 16.43 -0.70 39.19
CA LYS A 270 16.32 -0.39 40.62
C LYS A 270 16.92 -1.50 41.47
N LYS A 271 18.05 -2.06 41.00
CA LYS A 271 18.71 -3.15 41.73
C LYS A 271 19.60 -2.65 42.86
N ASP A 272 19.91 -1.34 42.90
CA ASP A 272 20.74 -0.82 43.97
C ASP A 272 20.04 -0.93 45.32
N LEU A 273 18.76 -0.54 45.37
CA LEU A 273 18.01 -0.61 46.61
C LEU A 273 17.75 -2.05 47.05
N PHE A 274 17.58 -2.96 46.08
CA PHE A 274 17.33 -4.36 46.40
C PHE A 274 18.48 -4.98 47.17
N GLU A 275 19.71 -4.56 46.88
CA GLU A 275 20.88 -5.13 47.55
C GLU A 275 20.81 -4.96 49.06
N GLU A 276 20.40 -3.77 49.52
CA GLU A 276 20.25 -3.53 50.95
C GLU A 276 18.90 -3.94 51.49
N LYS A 277 17.86 -3.98 50.65
CA LYS A 277 16.54 -4.36 51.14
C LYS A 277 16.41 -5.87 51.35
N ILE A 278 17.15 -6.67 50.58
CA ILE A 278 17.03 -8.12 50.72
C ILE A 278 17.58 -8.59 52.06
N LYS A 279 18.56 -7.87 52.62
CA LYS A 279 19.12 -8.27 53.90
C LYS A 279 18.11 -8.08 55.03
N LYS A 280 17.48 -6.91 55.09
CA LYS A 280 16.49 -6.65 56.13
C LYS A 280 15.16 -7.35 55.84
N SER A 281 14.74 -7.37 54.58
CA SER A 281 13.48 -7.99 54.20
C SER A 281 13.73 -9.28 53.43
N PRO A 282 13.41 -10.44 54.00
CA PRO A 282 13.64 -11.70 53.26
C PRO A 282 12.69 -11.83 52.09
N LEU A 283 13.14 -12.59 51.08
CA LEU A 283 12.32 -12.82 49.90
C LEU A 283 11.19 -13.81 50.17
N THR A 284 11.24 -14.56 51.29
CA THR A 284 10.23 -15.55 51.57
C THR A 284 8.86 -14.93 51.83
N ILE A 285 8.80 -13.64 52.17
CA ILE A 285 7.51 -12.99 52.40
C ILE A 285 6.68 -12.95 51.12
N CYS A 286 7.34 -12.95 49.97
CA CYS A 286 6.65 -12.92 48.69
C CYS A 286 6.71 -14.24 47.93
N TYR A 287 7.73 -15.07 48.17
CA TYR A 287 7.91 -16.34 47.49
C TYR A 287 8.08 -17.44 48.52
N PRO A 288 6.97 -18.00 49.04
CA PRO A 288 7.09 -19.11 50.00
C PRO A 288 7.81 -20.31 49.43
N GLU A 289 7.69 -20.55 48.12
CA GLU A 289 8.35 -21.69 47.47
C GLU A 289 9.78 -21.34 47.04
N TYR A 290 10.58 -20.85 48.00
CA TYR A 290 11.96 -20.48 47.76
C TYR A 290 12.84 -21.15 48.81
N ALA A 291 13.94 -21.75 48.37
CA ALA A 291 14.87 -22.46 49.24
C ALA A 291 16.29 -21.94 49.04
N GLY A 292 16.44 -20.62 49.04
CA GLY A 292 17.72 -19.98 48.85
C GLY A 292 18.08 -19.07 50.02
N SER A 293 19.29 -18.52 49.94
CA SER A 293 19.80 -17.64 50.98
C SER A 293 19.28 -16.22 50.76
N ASN A 294 19.79 -15.26 51.52
CA ASN A 294 19.36 -13.88 51.45
C ASN A 294 20.32 -13.02 50.62
N THR A 295 21.28 -13.63 49.93
CA THR A 295 22.20 -12.86 49.12
C THR A 295 21.50 -12.30 47.88
N TYR A 296 22.06 -11.20 47.36
CA TYR A 296 21.45 -10.55 46.21
C TYR A 296 21.49 -11.43 44.97
N GLU A 297 22.60 -12.16 44.77
CA GLU A 297 22.75 -12.96 43.56
C GLU A 297 21.67 -14.03 43.44
N GLU A 298 21.43 -14.77 44.52
CA GLU A 298 20.45 -15.85 44.47
C GLU A 298 19.04 -15.30 44.26
N ALA A 299 18.68 -14.23 44.97
CA ALA A 299 17.35 -13.65 44.81
C ALA A 299 17.14 -13.11 43.41
N ALA A 300 18.15 -12.42 42.86
CA ALA A 300 18.04 -11.90 41.51
C ALA A 300 17.92 -13.02 40.49
N ALA A 301 18.69 -14.10 40.67
CA ALA A 301 18.60 -15.24 39.77
C ALA A 301 17.22 -15.89 39.84
N TYR A 302 16.67 -15.99 41.05
CA TYR A 302 15.33 -16.55 41.21
C TYR A 302 14.29 -15.69 40.51
N ILE A 303 14.40 -14.37 40.66
CA ILE A 303 13.45 -13.47 40.01
C ILE A 303 13.55 -13.59 38.50
N GLN A 304 14.77 -13.61 37.97
CA GLN A 304 14.95 -13.75 36.53
C GLN A 304 14.40 -15.07 36.02
N CYS A 305 14.68 -16.17 36.73
CA CYS A 305 14.18 -17.47 36.31
C CYS A 305 12.66 -17.51 36.31
N GLN A 306 12.03 -16.95 37.35
CA GLN A 306 10.58 -16.92 37.39
C GLN A 306 10.00 -16.07 36.27
N PHE A 307 10.65 -14.95 35.95
CA PHE A 307 10.14 -14.11 34.87
C PHE A 307 10.27 -14.79 33.51
N GLU A 308 11.38 -15.49 33.27
CA GLU A 308 11.53 -16.20 32.00
C GLU A 308 10.66 -17.44 31.91
N ASP A 309 10.31 -18.05 33.05
CA ASP A 309 9.49 -19.25 33.03
C ASP A 309 8.08 -19.01 32.54
N LEU A 310 7.61 -17.76 32.52
CA LEU A 310 6.27 -17.45 32.05
C LEU A 310 6.14 -17.56 30.54
N ASN A 311 7.25 -17.68 29.81
CA ASN A 311 7.20 -17.83 28.36
C ASN A 311 6.58 -19.17 27.99
N LYS A 312 5.86 -19.17 26.87
CA LYS A 312 5.22 -20.38 26.35
C LYS A 312 5.78 -20.80 25.00
N ARG A 313 5.85 -19.88 24.03
CA ARG A 313 6.33 -20.20 22.69
C ARG A 313 7.85 -20.03 22.68
N LYS A 314 8.55 -21.06 23.16
CA LYS A 314 10.01 -21.05 23.19
C LYS A 314 10.60 -21.66 21.92
N ASP A 315 10.11 -21.23 20.77
CA ASP A 315 10.63 -21.68 19.49
C ASP A 315 11.00 -20.53 18.56
N THR A 316 10.22 -19.44 18.56
CA THR A 316 10.51 -18.29 17.72
C THR A 316 10.65 -17.01 18.52
N LYS A 317 10.66 -17.08 19.84
CA LYS A 317 10.74 -15.90 20.69
C LYS A 317 11.79 -16.12 21.77
N GLU A 318 12.51 -15.07 22.12
CA GLU A 318 13.55 -15.12 23.14
C GLU A 318 13.39 -13.94 24.08
N ILE A 319 13.82 -14.14 25.32
CA ILE A 319 13.79 -13.11 26.35
C ILE A 319 15.23 -12.76 26.71
N TYR A 320 15.58 -11.48 26.60
CA TYR A 320 16.94 -11.01 26.87
C TYR A 320 16.93 -10.29 28.22
N THR A 321 17.15 -11.04 29.28
CA THR A 321 17.16 -10.46 30.61
C THR A 321 18.46 -9.70 30.86
N HIS A 322 18.35 -8.56 31.51
CA HIS A 322 19.51 -7.73 31.81
C HIS A 322 19.22 -6.86 33.01
N PHE A 323 20.22 -6.63 33.83
CA PHE A 323 20.11 -5.78 35.00
C PHE A 323 20.68 -4.40 34.67
N THR A 324 19.91 -3.36 34.98
CA THR A 324 20.29 -2.01 34.58
C THR A 324 21.50 -1.53 35.37
N CYS A 325 22.59 -1.29 34.65
CA CYS A 325 23.84 -0.80 35.23
C CYS A 325 23.96 0.69 34.90
N SER A 326 23.72 1.53 35.91
CA SER A 326 23.74 2.97 35.69
C SER A 326 25.15 3.45 35.36
N THR A 327 26.16 2.96 36.07
CA THR A 327 27.52 3.44 35.87
C THR A 327 28.12 2.90 34.58
N ASP A 328 27.88 1.61 34.28
CA ASP A 328 28.52 0.99 33.13
C ASP A 328 27.88 1.44 31.82
N THR A 329 26.60 1.82 31.84
CA THR A 329 25.89 2.31 30.66
C THR A 329 25.93 1.31 29.51
N LYS A 330 25.58 0.06 29.80
CA LYS A 330 25.52 -0.97 28.78
C LYS A 330 24.10 -1.25 28.29
N ASN A 331 23.12 -0.44 28.71
CA ASN A 331 21.74 -0.69 28.29
C ASN A 331 21.57 -0.50 26.79
N VAL A 332 22.14 0.58 26.25
CA VAL A 332 22.05 0.82 24.81
C VAL A 332 22.78 -0.27 24.05
N GLN A 333 23.93 -0.72 24.57
CA GLN A 333 24.66 -1.80 23.93
C GLN A 333 23.85 -3.08 23.90
N PHE A 334 23.17 -3.40 25.00
CA PHE A 334 22.35 -4.60 25.05
C PHE A 334 21.20 -4.51 24.07
N VAL A 335 20.55 -3.35 23.99
CA VAL A 335 19.46 -3.16 23.04
C VAL A 335 19.98 -3.32 21.62
N PHE A 336 21.16 -2.75 21.34
CA PHE A 336 21.75 -2.88 20.01
C PHE A 336 22.03 -4.34 19.65
N ASP A 337 22.59 -5.09 20.59
CA ASP A 337 22.87 -6.50 20.33
C ASP A 337 21.60 -7.30 20.08
N ALA A 338 20.56 -7.06 20.90
CA ALA A 338 19.30 -7.76 20.71
C ALA A 338 18.68 -7.42 19.35
N VAL A 339 18.70 -6.14 18.98
CA VAL A 339 18.13 -5.73 17.70
C VAL A 339 18.92 -6.34 16.55
N THR A 340 20.24 -6.42 16.69
CA THR A 340 21.05 -7.05 15.65
C THR A 340 20.72 -8.53 15.49
N ASP A 341 20.52 -9.23 16.61
CA ASP A 341 20.12 -10.63 16.52
C ASP A 341 18.76 -10.78 15.86
N VAL A 342 17.81 -9.90 16.20
CA VAL A 342 16.49 -9.95 15.58
C VAL A 342 16.60 -9.69 14.08
N ILE A 343 17.44 -8.73 13.69
CA ILE A 343 17.61 -8.42 12.27
C ILE A 343 18.23 -9.60 11.53
N ILE A 344 19.22 -10.26 12.13
CA ILE A 344 19.83 -11.43 11.50
C ILE A 344 18.80 -12.54 11.31
N LYS A 345 18.00 -12.80 12.35
CA LYS A 345 16.97 -13.83 12.23
C LYS A 345 15.94 -13.47 11.17
N ASN A 346 15.55 -12.19 11.11
CA ASN A 346 14.56 -11.77 10.12
C ASN A 346 15.12 -11.90 8.70
N ASN A 347 16.40 -11.58 8.52
CA ASN A 347 17.02 -11.70 7.21
C ASN A 347 17.13 -13.16 6.79
N LEU A 348 17.48 -14.04 7.74
CA LEU A 348 17.49 -15.47 7.44
C LEU A 348 16.09 -15.96 7.09
N LYS A 349 15.07 -15.46 7.79
CA LYS A 349 13.68 -15.80 7.48
C LYS A 349 13.30 -15.34 6.08
N ASP A 350 13.73 -14.13 5.70
CA ASP A 350 13.33 -13.56 4.42
C ASP A 350 14.04 -14.23 3.24
N CYS A 351 15.32 -14.56 3.42
CA CYS A 351 16.08 -15.17 2.32
C CYS A 351 15.50 -16.52 1.93
N GLY A 352 15.01 -17.28 2.91
CA GLY A 352 14.46 -18.60 2.65
C GLY A 352 15.24 -19.67 3.35
N LEU A 353 16.33 -19.27 4.01
CA LEU A 353 17.21 -20.20 4.70
C LEU A 353 16.65 -20.66 6.04
N PHE A 354 15.56 -20.06 6.51
CA PHE A 354 14.98 -20.44 7.80
C PHE A 354 13.72 -21.28 7.59
N VAL B 1 26.82 -27.97 -23.44
CA VAL B 1 27.93 -28.85 -23.81
C VAL B 1 27.44 -30.29 -23.92
N GLY B 2 26.44 -30.62 -23.09
CA GLY B 2 25.91 -31.98 -23.07
C GLY B 2 24.73 -32.17 -24.00
N SER B 3 24.45 -31.16 -24.84
CA SER B 3 23.32 -31.26 -25.75
C SER B 3 23.62 -32.17 -26.93
N GLU B 4 24.88 -32.51 -27.14
CA GLU B 4 25.25 -33.37 -28.25
C GLU B 4 24.74 -34.80 -28.04
N VAL B 5 24.72 -35.59 -29.09
CA VAL B 5 24.06 -36.92 -28.93
C VAL B 5 25.13 -38.00 -28.85
N SER B 6 24.80 -39.12 -28.23
CA SER B 6 25.80 -40.18 -28.04
C SER B 6 26.11 -40.82 -29.38
N ASP B 7 27.36 -41.24 -29.58
CA ASP B 7 27.76 -41.88 -30.87
C ASP B 7 27.36 -43.36 -30.80
N LYS B 8 26.63 -43.83 -31.82
CA LYS B 8 26.22 -45.26 -31.87
C LYS B 8 27.48 -46.11 -31.93
N ARG B 9 28.47 -45.70 -32.74
CA ARG B 9 29.75 -46.43 -32.74
C ARG B 9 30.91 -45.44 -32.65
N THR B 10 32.09 -45.93 -32.25
CA THR B 10 33.29 -45.07 -32.12
C THR B 10 34.53 -45.95 -32.24
N CYS B 11 35.71 -45.36 -32.43
CA CYS B 11 36.93 -46.17 -32.62
C CYS B 11 37.87 -45.99 -31.42
N PRO C 20 37.01 -51.10 -33.31
CA PRO C 20 36.12 -49.99 -32.93
C PRO C 20 35.15 -50.39 -31.82
N CYS C 21 34.24 -49.49 -31.45
CA CYS C 21 33.31 -49.77 -30.32
C CYS C 21 31.87 -49.44 -30.72
N GLU C 22 30.91 -50.13 -30.11
CA GLU C 22 29.47 -49.85 -30.38
C GLU C 22 28.83 -49.44 -29.05
N ASN C 23 27.96 -48.44 -29.08
CA ASN C 23 27.38 -47.93 -27.82
C ASN C 23 26.17 -48.78 -27.50
N GLN C 24 26.37 -49.97 -26.96
CA GLN C 24 25.22 -50.86 -26.71
C GLN C 24 24.25 -50.07 -25.85
N ALA C 25 24.75 -48.98 -25.28
CA ALA C 25 23.92 -48.21 -24.36
C ALA C 25 22.90 -47.36 -25.11
N TRP C 26 23.02 -47.28 -26.44
CA TRP C 26 22.14 -46.42 -27.24
C TRP C 26 20.68 -46.76 -27.06
N VAL C 27 20.34 -48.05 -27.06
CA VAL C 27 18.95 -48.46 -26.93
C VAL C 27 18.39 -48.04 -25.57
N PHE C 28 19.17 -48.25 -24.51
CA PHE C 28 18.72 -47.83 -23.18
C PHE C 28 18.77 -46.32 -23.03
N ALA C 29 19.75 -45.67 -23.67
CA ALA C 29 19.87 -44.22 -23.58
C ALA C 29 18.65 -43.53 -24.18
N THR C 30 18.17 -44.04 -25.32
CA THR C 30 16.99 -43.44 -25.94
C THR C 30 15.80 -43.44 -24.99
N LEU C 31 15.51 -44.58 -24.38
CA LEU C 31 14.36 -44.68 -23.48
C LEU C 31 14.57 -43.80 -22.25
N ALA C 32 15.76 -43.87 -21.64
CA ALA C 32 16.01 -43.09 -20.43
C ALA C 32 15.87 -41.60 -20.70
N THR C 33 16.41 -41.13 -21.82
CA THR C 33 16.24 -39.72 -22.16
C THR C 33 14.77 -39.40 -22.37
N THR C 34 14.07 -40.18 -23.20
CA THR C 34 12.70 -39.84 -23.54
C THR C 34 11.75 -39.93 -22.35
N VAL C 35 12.13 -40.58 -21.26
CA VAL C 35 11.29 -40.62 -20.06
C VAL C 35 11.69 -39.55 -19.04
N LEU C 36 12.96 -39.50 -18.62
CA LEU C 36 13.32 -38.53 -17.59
C LEU C 36 13.30 -37.10 -18.12
N TYR C 37 13.61 -36.88 -19.40
CA TYR C 37 13.51 -35.54 -19.94
C TYR C 37 12.08 -35.01 -19.87
N CYS C 38 11.11 -35.85 -20.24
CA CYS C 38 9.71 -35.44 -20.18
C CYS C 38 9.28 -35.19 -18.74
N LEU C 39 9.67 -36.08 -17.82
CA LEU C 39 9.31 -35.87 -16.42
C LEU C 39 9.88 -34.57 -15.89
N VAL C 40 11.16 -34.31 -16.18
CA VAL C 40 11.82 -33.10 -15.71
C VAL C 40 11.17 -31.87 -16.33
N PHE C 41 10.81 -31.95 -17.61
CA PHE C 41 10.18 -30.81 -18.28
C PHE C 41 8.85 -30.47 -17.62
N LEU C 42 8.02 -31.48 -17.36
CA LEU C 42 6.73 -31.23 -16.72
C LEU C 42 6.91 -30.65 -15.32
N LEU C 43 7.78 -31.26 -14.52
CA LEU C 43 7.97 -30.79 -13.14
C LEU C 43 8.52 -29.38 -13.11
N SER C 44 9.51 -29.08 -13.97
CA SER C 44 10.07 -27.74 -14.00
C SER C 44 9.05 -26.72 -14.46
N LEU C 45 8.25 -27.06 -15.48
CA LEU C 45 7.19 -26.16 -15.92
C LEU C 45 6.27 -25.80 -14.77
N VAL C 46 5.73 -26.81 -14.09
CA VAL C 46 4.75 -26.53 -13.05
C VAL C 46 5.39 -25.76 -11.88
N GLY C 47 6.59 -26.19 -11.45
CA GLY C 47 7.21 -25.53 -10.32
C GLY C 47 7.58 -24.09 -10.59
N ASN C 48 8.20 -23.83 -11.74
CA ASN C 48 8.63 -22.48 -12.05
C ASN C 48 7.45 -21.57 -12.33
N SER C 49 6.39 -22.09 -12.98
CA SER C 49 5.20 -21.27 -13.15
C SER C 49 4.58 -20.90 -11.81
N LEU C 50 4.52 -21.85 -10.88
CA LEU C 50 3.98 -21.57 -9.55
C LEU C 50 4.82 -20.51 -8.85
N VAL C 51 6.15 -20.63 -8.93
CA VAL C 51 7.03 -19.66 -8.27
C VAL C 51 6.84 -18.28 -8.88
N LEU C 52 6.75 -18.21 -10.21
CA LEU C 52 6.58 -16.92 -10.87
C LEU C 52 5.25 -16.28 -10.46
N TRP C 53 4.18 -17.07 -10.41
CA TRP C 53 2.89 -16.54 -9.99
C TRP C 53 2.96 -16.00 -8.57
N VAL C 54 3.54 -16.78 -7.65
CA VAL C 54 3.61 -16.36 -6.25
C VAL C 54 4.43 -15.08 -6.13
N LEU C 55 5.56 -15.00 -6.82
CA LEU C 55 6.42 -13.82 -6.71
C LEU C 55 5.74 -12.60 -7.31
N VAL C 56 5.08 -12.76 -8.46
CA VAL C 56 4.48 -11.61 -9.13
C VAL C 56 3.29 -11.08 -8.35
N LYS C 57 2.42 -11.97 -7.86
CA LYS C 57 1.19 -11.52 -7.23
C LYS C 57 1.44 -10.77 -5.94
N TYR C 58 2.36 -11.27 -5.10
CA TYR C 58 2.51 -10.77 -3.74
C TYR C 58 3.77 -9.94 -3.55
N GLU C 59 4.94 -10.48 -3.90
CA GLU C 59 6.20 -9.82 -3.59
C GLU C 59 6.38 -8.54 -4.40
N SER C 60 7.34 -7.73 -3.99
CA SER C 60 7.67 -6.48 -4.64
C SER C 60 9.04 -6.61 -5.32
N LEU C 61 9.16 -6.01 -6.50
CA LEU C 61 10.37 -6.12 -7.31
C LEU C 61 11.38 -5.01 -6.99
N GLU C 62 11.75 -4.89 -5.72
CA GLU C 62 12.74 -3.90 -5.30
C GLU C 62 13.78 -4.47 -4.35
N SER C 63 13.62 -5.71 -3.88
CA SER C 63 14.60 -6.36 -3.02
C SER C 63 15.42 -7.33 -3.86
N LEU C 64 16.73 -7.35 -3.61
CA LEU C 64 17.64 -8.13 -4.45
C LEU C 64 17.28 -9.61 -4.47
N THR C 65 16.78 -10.13 -3.34
CA THR C 65 16.40 -11.54 -3.28
C THR C 65 15.32 -11.85 -4.30
N ASN C 66 14.30 -10.99 -4.39
CA ASN C 66 13.21 -11.24 -5.33
C ASN C 66 13.70 -11.20 -6.77
N ILE C 67 14.56 -10.23 -7.11
CA ILE C 67 15.07 -10.13 -8.47
C ILE C 67 15.88 -11.37 -8.82
N PHE C 68 16.77 -11.79 -7.92
CA PHE C 68 17.60 -12.96 -8.19
C PHE C 68 16.75 -14.21 -8.34
N ILE C 69 15.77 -14.40 -7.47
CA ILE C 69 14.91 -15.58 -7.54
C ILE C 69 14.13 -15.59 -8.85
N LEU C 70 13.53 -14.45 -9.22
CA LEU C 70 12.75 -14.37 -10.44
C LEU C 70 13.61 -14.66 -11.66
N ASN C 71 14.82 -14.10 -11.70
CA ASN C 71 15.67 -14.29 -12.87
C ASN C 71 16.18 -15.72 -12.97
N LEU C 72 16.55 -16.32 -11.85
CA LEU C 72 16.95 -17.73 -11.86
C LEU C 72 15.81 -18.63 -12.31
N CYS C 73 14.59 -18.34 -11.83
CA CYS C 73 13.44 -19.14 -12.24
C CYS C 73 13.15 -18.98 -13.73
N LEU C 74 13.29 -17.76 -14.25
CA LEU C 74 13.09 -17.55 -15.69
C LEU C 74 14.13 -18.32 -16.50
N SER C 75 15.39 -18.30 -16.05
CA SER C 75 16.43 -19.06 -16.76
C SER C 75 16.12 -20.56 -16.74
N ASP C 76 15.70 -21.08 -15.58
CA ASP C 76 15.35 -22.49 -15.50
C ASP C 76 14.16 -22.81 -16.40
N LEU C 77 13.18 -21.91 -16.47
CA LEU C 77 12.02 -22.13 -17.33
C LEU C 77 12.42 -22.17 -18.80
N VAL C 78 13.30 -21.27 -19.22
CA VAL C 78 13.78 -21.29 -20.60
C VAL C 78 14.53 -22.58 -20.89
N PHE C 79 15.37 -23.01 -19.95
CA PHE C 79 16.09 -24.27 -20.11
C PHE C 79 15.12 -25.44 -20.27
N ALA C 80 14.10 -25.50 -19.43
CA ALA C 80 13.13 -26.59 -19.51
C ALA C 80 12.34 -26.53 -20.81
N CYS C 81 11.98 -25.33 -21.26
CA CYS C 81 11.25 -25.19 -22.52
C CYS C 81 12.08 -25.67 -23.70
N LEU C 82 13.39 -25.38 -23.67
CA LEU C 82 14.26 -25.87 -24.74
C LEU C 82 14.58 -27.35 -24.60
N LEU C 83 14.42 -27.92 -23.41
CA LEU C 83 14.83 -29.30 -23.17
C LEU C 83 14.22 -30.33 -24.13
N PRO C 84 12.92 -30.31 -24.43
CA PRO C 84 12.35 -31.41 -25.23
C PRO C 84 12.91 -31.51 -26.64
N VAL C 85 13.51 -30.44 -27.17
CA VAL C 85 14.04 -30.48 -28.53
C VAL C 85 15.14 -31.53 -28.65
N TRP C 86 16.04 -31.59 -27.66
CA TRP C 86 17.16 -32.52 -27.71
C TRP C 86 16.72 -33.98 -27.53
N ILE C 87 15.46 -34.24 -27.19
CA ILE C 87 14.97 -35.60 -27.22
C ILE C 87 14.86 -36.13 -28.65
N SER C 88 14.48 -35.28 -29.60
CA SER C 88 14.27 -35.74 -30.98
C SER C 88 15.50 -36.36 -31.64
N PRO C 89 16.72 -35.81 -31.51
CA PRO C 89 17.86 -36.44 -32.21
C PRO C 89 18.10 -37.88 -31.84
N TYR C 90 17.70 -38.29 -30.62
CA TYR C 90 17.89 -39.67 -30.21
C TYR C 90 17.04 -40.63 -31.03
N HIS C 91 15.89 -40.14 -31.52
CA HIS C 91 14.99 -41.03 -32.24
C HIS C 91 15.19 -40.94 -33.75
N TRP C 92 15.11 -39.73 -34.31
CA TRP C 92 15.20 -39.60 -35.76
C TRP C 92 16.28 -38.60 -36.21
N GLY C 93 17.25 -38.30 -35.36
CA GLY C 93 18.30 -37.38 -35.74
C GLY C 93 17.83 -35.94 -35.77
N TRP C 94 18.78 -35.06 -36.12
CA TRP C 94 18.54 -33.62 -36.15
C TRP C 94 18.29 -33.19 -37.59
N VAL C 95 17.14 -32.58 -37.84
CA VAL C 95 16.77 -32.15 -39.17
C VAL C 95 16.25 -30.71 -39.13
N LEU C 96 16.39 -30.06 -37.98
CA LEU C 96 15.86 -28.71 -37.80
C LEU C 96 16.51 -27.71 -38.72
N GLY C 97 17.84 -27.76 -38.85
CA GLY C 97 18.54 -26.82 -39.69
C GLY C 97 19.82 -26.28 -39.09
N ASP C 98 20.64 -25.62 -39.91
CA ASP C 98 21.93 -25.13 -39.45
C ASP C 98 21.78 -23.93 -38.51
N PHE C 99 20.96 -22.95 -38.88
CA PHE C 99 20.84 -21.74 -38.09
C PHE C 99 20.04 -21.99 -36.82
N LEU C 100 18.95 -22.74 -36.92
CA LEU C 100 18.15 -23.07 -35.74
C LEU C 100 18.97 -23.87 -34.74
N CYS C 101 19.86 -24.74 -35.21
CA CYS C 101 20.73 -25.47 -34.31
C CYS C 101 21.62 -24.52 -33.51
N LYS C 102 22.21 -23.54 -34.19
CA LYS C 102 23.07 -22.57 -33.50
C LYS C 102 22.25 -21.76 -32.49
N LEU C 103 21.06 -21.31 -32.87
CA LEU C 103 20.24 -20.52 -31.96
C LEU C 103 19.86 -21.33 -30.72
N LEU C 104 19.42 -22.58 -30.90
CA LEU C 104 19.01 -23.40 -29.77
C LEU C 104 20.20 -23.74 -28.89
N ASN C 105 21.34 -24.08 -29.48
CA ASN C 105 22.52 -24.39 -28.70
C ASN C 105 23.08 -23.18 -27.98
N MET C 106 22.78 -21.97 -28.47
CA MET C 106 23.13 -20.75 -27.76
C MET C 106 22.20 -20.51 -26.57
N ILE C 107 20.91 -20.73 -26.78
CA ILE C 107 19.94 -20.58 -25.68
C ILE C 107 20.26 -21.55 -24.56
N PHE C 108 20.64 -22.78 -24.92
CA PHE C 108 21.00 -23.78 -23.93
C PHE C 108 22.12 -23.29 -23.00
N SER C 109 23.21 -22.82 -23.58
CA SER C 109 24.34 -22.35 -22.79
C SER C 109 23.97 -21.10 -22.00
N ILE C 110 23.19 -20.20 -22.61
CA ILE C 110 22.76 -19.00 -21.91
C ILE C 110 22.04 -19.39 -20.63
N SER C 111 21.08 -20.31 -20.74
CA SER C 111 20.30 -20.71 -19.57
C SER C 111 21.17 -21.37 -18.52
N LEU C 112 22.05 -22.28 -18.93
CA LEU C 112 22.87 -23.00 -17.97
C LEU C 112 23.78 -22.07 -17.19
N TYR C 113 24.55 -21.25 -17.91
CA TYR C 113 25.49 -20.37 -17.24
C TYR C 113 24.78 -19.31 -16.42
N SER C 114 23.65 -18.78 -16.91
CA SER C 114 22.90 -17.81 -16.12
C SER C 114 22.40 -18.42 -14.82
N SER C 115 21.92 -19.67 -14.88
CA SER C 115 21.47 -20.34 -13.67
C SER C 115 22.60 -20.46 -12.65
N ILE C 116 23.76 -20.94 -13.10
CA ILE C 116 24.88 -21.12 -12.17
C ILE C 116 25.31 -19.77 -11.57
N PHE C 117 25.42 -18.74 -12.41
CA PHE C 117 25.88 -17.45 -11.93
C PHE C 117 24.90 -16.84 -10.95
N PHE C 118 23.60 -16.95 -11.21
CA PHE C 118 22.64 -16.37 -10.29
C PHE C 118 22.58 -17.13 -8.98
N LEU C 119 22.76 -18.44 -9.00
CA LEU C 119 22.89 -19.19 -7.75
C LEU C 119 24.07 -18.69 -6.93
N THR C 120 25.22 -18.50 -7.59
CA THR C 120 26.40 -18.03 -6.86
C THR C 120 26.18 -16.64 -6.28
N ILE C 121 25.60 -15.73 -7.07
CA ILE C 121 25.37 -14.37 -6.60
C ILE C 121 24.38 -14.34 -5.45
N MET C 122 23.34 -15.17 -5.52
CA MET C 122 22.36 -15.26 -4.44
C MET C 122 23.01 -15.76 -3.15
N THR C 123 23.90 -16.75 -3.26
CA THR C 123 24.61 -17.23 -2.07
C THR C 123 25.49 -16.13 -1.48
N ILE C 124 26.17 -15.37 -2.34
CA ILE C 124 26.98 -14.24 -1.85
C ILE C 124 26.10 -13.24 -1.13
N HIS C 125 24.92 -12.96 -1.67
CA HIS C 125 24.00 -12.01 -1.03
C HIS C 125 23.55 -12.52 0.34
N ARG C 126 23.25 -13.81 0.44
CA ARG C 126 22.88 -14.37 1.74
C ARG C 126 24.01 -14.23 2.76
N TYR C 127 25.25 -14.49 2.34
CA TYR C 127 26.36 -14.33 3.28
C TYR C 127 26.52 -12.88 3.70
N LEU C 128 26.38 -11.94 2.76
CA LEU C 128 26.43 -10.52 3.11
C LEU C 128 25.33 -10.17 4.12
N SER C 129 24.13 -10.69 3.91
CA SER C 129 23.02 -10.35 4.79
C SER C 129 23.22 -10.91 6.19
N VAL C 130 23.69 -12.14 6.31
CA VAL C 130 23.83 -12.74 7.63
C VAL C 130 25.04 -12.17 8.37
N VAL C 131 26.18 -12.06 7.69
CA VAL C 131 27.41 -11.68 8.37
C VAL C 131 27.36 -10.20 8.79
N SER C 132 26.91 -9.33 7.90
CA SER C 132 26.86 -7.89 8.15
C SER C 132 25.46 -7.39 7.89
N PRO C 133 24.54 -7.59 8.84
CA PRO C 133 23.15 -7.20 8.61
C PRO C 133 22.93 -5.72 8.38
N LEU C 134 23.77 -4.86 8.97
CA LEU C 134 23.58 -3.42 8.82
C LEU C 134 23.77 -2.97 7.38
N SER C 135 24.75 -3.55 6.67
CA SER C 135 24.97 -3.19 5.28
C SER C 135 23.77 -3.55 4.41
N THR C 136 23.15 -4.70 4.68
CA THR C 136 21.97 -5.10 3.92
C THR C 136 20.74 -4.29 4.34
N LEU C 137 20.73 -3.78 5.58
CA LEU C 137 19.57 -3.02 6.05
C LEU C 137 19.33 -1.78 5.22
N ARG C 138 20.39 -1.05 4.86
CA ARG C 138 20.26 0.12 4.01
C ARG C 138 20.02 -0.35 2.58
N VAL C 139 18.81 -0.17 2.09
CA VAL C 139 18.43 -0.65 0.76
C VAL C 139 19.18 0.14 -0.30
N PRO C 140 19.84 -0.51 -1.26
CA PRO C 140 20.53 0.22 -2.31
C PRO C 140 19.55 0.86 -3.29
N THR C 141 20.09 1.71 -4.15
CA THR C 141 19.27 2.40 -5.14
C THR C 141 18.81 1.42 -6.22
N LEU C 142 17.72 1.80 -6.90
CA LEU C 142 17.17 0.97 -7.97
C LEU C 142 18.13 0.87 -9.15
N ARG C 143 18.98 1.88 -9.35
CA ARG C 143 19.89 1.89 -10.48
C ARG C 143 20.87 0.72 -10.41
N CYS C 144 21.42 0.46 -9.23
CA CYS C 144 22.47 -0.57 -9.11
C CYS C 144 21.93 -1.98 -9.35
N ARG C 145 20.68 -2.24 -8.96
CA ARG C 145 20.12 -3.59 -9.12
C ARG C 145 20.03 -3.97 -10.59
N VAL C 146 19.54 -3.05 -11.43
CA VAL C 146 19.47 -3.31 -12.87
C VAL C 146 20.86 -3.47 -13.43
N LEU C 147 21.83 -2.69 -12.91
CA LEU C 147 23.21 -2.82 -13.38
C LEU C 147 23.77 -4.20 -13.11
N VAL C 148 23.55 -4.73 -11.90
CA VAL C 148 24.10 -6.04 -11.57
C VAL C 148 23.36 -7.15 -12.32
N THR C 149 22.04 -7.00 -12.52
CA THR C 149 21.31 -7.99 -13.30
C THR C 149 21.81 -8.03 -14.74
N MET C 150 21.97 -6.86 -15.36
CA MET C 150 22.49 -6.81 -16.71
C MET C 150 23.94 -7.30 -16.78
N ALA C 151 24.72 -7.09 -15.70
CA ALA C 151 26.08 -7.59 -15.67
C ALA C 151 26.09 -9.12 -15.70
N VAL C 152 25.24 -9.75 -14.88
CA VAL C 152 25.18 -11.21 -14.90
C VAL C 152 24.73 -11.71 -16.27
N TRP C 153 23.70 -11.06 -16.84
CA TRP C 153 23.20 -11.52 -18.14
C TRP C 153 24.25 -11.34 -19.24
N VAL C 154 24.98 -10.22 -19.22
CA VAL C 154 25.99 -10.01 -20.25
C VAL C 154 27.17 -10.94 -20.06
N ALA C 155 27.49 -11.31 -18.81
CA ALA C 155 28.51 -12.32 -18.59
C ALA C 155 28.08 -13.66 -19.19
N SER C 156 26.82 -14.03 -18.99
CA SER C 156 26.32 -15.26 -19.60
C SER C 156 26.35 -15.17 -21.12
N ILE C 157 26.03 -14.00 -21.66
CA ILE C 157 26.06 -13.81 -23.12
C ILE C 157 27.47 -13.98 -23.64
N LEU C 158 28.46 -13.39 -22.95
CA LEU C 158 29.84 -13.53 -23.38
C LEU C 158 30.30 -14.98 -23.29
N SER C 159 29.89 -15.69 -22.25
CA SER C 159 30.28 -17.10 -22.12
C SER C 159 29.57 -17.99 -23.13
N SER C 160 28.43 -17.56 -23.67
CA SER C 160 27.66 -18.38 -24.58
C SER C 160 27.87 -18.02 -26.05
N ILE C 161 28.42 -16.84 -26.36
CA ILE C 161 28.49 -16.38 -27.74
C ILE C 161 29.44 -17.22 -28.59
N LEU C 162 30.39 -17.94 -27.99
CA LEU C 162 31.33 -18.73 -28.78
C LEU C 162 30.62 -19.87 -29.50
N ASP C 163 29.59 -20.43 -28.87
CA ASP C 163 28.94 -21.62 -29.43
C ASP C 163 28.26 -21.31 -30.75
N THR C 164 27.62 -20.14 -30.87
CA THR C 164 26.91 -19.81 -32.10
C THR C 164 27.85 -19.78 -33.30
N ILE C 165 29.02 -19.14 -33.15
CA ILE C 165 29.94 -19.01 -34.27
C ILE C 165 30.94 -20.15 -34.37
N PHE C 166 30.94 -21.09 -33.41
CA PHE C 166 31.97 -22.11 -33.35
C PHE C 166 31.38 -23.52 -33.30
N HIS C 167 30.17 -23.70 -33.83
CA HIS C 167 29.46 -24.97 -33.74
C HIS C 167 28.52 -25.07 -34.93
N LYS C 168 28.67 -26.13 -35.73
CA LYS C 168 27.93 -26.33 -36.96
C LYS C 168 27.14 -27.63 -36.91
N VAL C 169 26.41 -27.90 -37.99
CA VAL C 169 25.62 -29.12 -38.13
C VAL C 169 26.40 -30.11 -38.98
N LEU C 170 26.64 -31.29 -38.46
CA LEU C 170 27.48 -32.25 -39.21
C LEU C 170 26.76 -33.59 -39.25
N SER C 171 27.43 -34.62 -39.76
CA SER C 171 26.78 -35.94 -39.91
C SER C 171 26.36 -36.42 -38.52
N SER C 172 27.16 -36.06 -37.51
CA SER C 172 26.82 -36.43 -36.12
C SER C 172 25.87 -35.37 -35.57
N GLY C 173 24.67 -35.29 -36.15
CA GLY C 173 23.68 -34.30 -35.69
C GLY C 173 24.32 -32.96 -35.41
N CYS C 174 23.91 -32.31 -34.32
CA CYS C 174 24.60 -31.07 -33.97
C CYS C 174 25.79 -31.39 -33.08
N ASP C 175 26.97 -30.95 -33.50
CA ASP C 175 28.20 -31.23 -32.77
C ASP C 175 29.22 -30.18 -33.16
N TYR C 176 30.19 -29.94 -32.28
CA TYR C 176 31.20 -28.92 -32.52
C TYR C 176 32.05 -29.28 -33.74
N SER C 177 32.35 -28.26 -34.55
CA SER C 177 33.11 -28.47 -35.77
C SER C 177 34.52 -28.97 -35.48
N GLU C 178 35.19 -28.36 -34.51
CA GLU C 178 36.57 -28.68 -34.19
C GLU C 178 36.68 -29.16 -32.75
N LEU C 179 37.63 -30.07 -32.52
CA LEU C 179 37.82 -30.66 -31.20
C LEU C 179 38.34 -29.63 -30.19
N THR C 180 39.05 -28.61 -30.67
CA THR C 180 39.60 -27.61 -29.77
C THR C 180 38.50 -26.86 -29.03
N TRP C 181 37.43 -26.49 -29.73
CA TRP C 181 36.35 -25.78 -29.08
C TRP C 181 35.60 -26.69 -28.11
N TYR C 182 35.52 -27.99 -28.42
CA TYR C 182 34.96 -28.95 -27.48
C TYR C 182 35.76 -28.96 -26.18
N LEU C 183 37.10 -29.02 -26.30
CA LEU C 183 37.93 -28.99 -25.10
C LEU C 183 37.75 -27.68 -24.34
N THR C 184 37.69 -26.56 -25.06
CA THR C 184 37.55 -25.26 -24.41
C THR C 184 36.25 -25.18 -23.64
N SER C 185 35.15 -25.63 -24.24
CA SER C 185 33.86 -25.59 -23.57
C SER C 185 33.85 -26.48 -22.33
N VAL C 186 34.39 -27.70 -22.44
CA VAL C 186 34.39 -28.60 -21.30
C VAL C 186 35.22 -28.02 -20.16
N TYR C 187 36.40 -27.46 -20.47
CA TYR C 187 37.26 -26.91 -19.43
C TYR C 187 36.64 -25.66 -18.81
N GLN C 188 35.96 -24.84 -19.62
CA GLN C 188 35.27 -23.68 -19.07
C GLN C 188 34.17 -24.11 -18.11
N HIS C 189 33.42 -25.15 -18.48
CA HIS C 189 32.40 -25.70 -17.59
C HIS C 189 33.02 -26.15 -16.27
N ASN C 190 34.13 -26.89 -16.35
CA ASN C 190 34.78 -27.38 -15.13
C ASN C 190 35.25 -26.23 -14.24
N LEU C 191 35.88 -25.21 -14.84
CA LEU C 191 36.40 -24.10 -14.05
C LEU C 191 35.27 -23.31 -13.41
N PHE C 192 34.18 -23.08 -14.15
CA PHE C 192 33.05 -22.36 -13.57
C PHE C 192 32.44 -23.13 -12.41
N PHE C 193 32.32 -24.45 -12.55
CA PHE C 193 31.81 -25.26 -11.43
C PHE C 193 32.72 -25.15 -10.22
N LEU C 194 34.04 -25.23 -10.42
CA LEU C 194 34.96 -25.17 -9.29
C LEU C 194 34.87 -23.84 -8.58
N LEU C 195 34.86 -22.73 -9.33
CA LEU C 195 34.77 -21.42 -8.72
C LEU C 195 33.45 -21.24 -7.97
N SER C 196 32.34 -21.67 -8.58
CA SER C 196 31.05 -21.57 -7.92
C SER C 196 31.02 -22.36 -6.63
N LEU C 197 31.56 -23.58 -6.65
CA LEU C 197 31.58 -24.41 -5.45
C LEU C 197 32.42 -23.77 -4.36
N GLY C 198 33.56 -23.20 -4.73
CA GLY C 198 34.39 -22.53 -3.73
C GLY C 198 33.67 -21.37 -3.07
N ILE C 199 33.03 -20.53 -3.88
CA ILE C 199 32.29 -19.38 -3.33
C ILE C 199 31.17 -19.85 -2.42
N ILE C 200 30.42 -20.86 -2.88
CA ILE C 200 29.29 -21.36 -2.10
C ILE C 200 29.76 -21.91 -0.77
N LEU C 201 30.82 -22.73 -0.78
CA LEU C 201 31.31 -23.34 0.45
C LEU C 201 31.81 -22.28 1.41
N PHE C 202 32.56 -21.30 0.92
CA PHE C 202 33.06 -20.25 1.81
C PHE C 202 31.91 -19.49 2.46
N CYS C 203 30.94 -19.06 1.65
CA CYS C 203 29.84 -18.27 2.18
C CYS C 203 29.01 -19.05 3.20
N TYR C 204 28.70 -20.31 2.88
CA TYR C 204 27.86 -21.09 3.78
C TYR C 204 28.59 -21.47 5.06
N VAL C 205 29.89 -21.76 4.97
CA VAL C 205 30.66 -22.03 6.18
C VAL C 205 30.72 -20.79 7.07
N GLU C 206 30.90 -19.61 6.46
CA GLU C 206 30.90 -18.39 7.25
C GLU C 206 29.55 -18.16 7.92
N ILE C 207 28.45 -18.39 7.21
CA ILE C 207 27.13 -18.22 7.79
C ILE C 207 26.93 -19.19 8.96
N LEU C 208 27.32 -20.45 8.76
CA LEU C 208 27.14 -21.45 9.82
C LEU C 208 27.99 -21.12 11.04
N ARG C 209 29.22 -20.67 10.83
CA ARG C 209 30.08 -20.30 11.96
C ARG C 209 29.52 -19.10 12.71
N THR C 210 29.02 -18.10 11.98
CA THR C 210 28.42 -16.94 12.63
C THR C 210 27.20 -17.34 13.45
N LEU C 211 26.36 -18.23 12.91
CA LEU C 211 25.21 -18.70 13.67
C LEU C 211 25.64 -19.52 14.88
N PHE C 212 26.73 -20.28 14.76
CA PHE C 212 27.20 -21.07 15.88
C PHE C 212 27.82 -20.21 16.98
N ARG C 213 28.41 -19.07 16.61
CA ARG C 213 29.12 -18.25 17.59
C ARG C 213 28.18 -17.73 18.68
N SER C 214 26.98 -17.30 18.29
CA SER C 214 26.00 -16.77 19.22
C SER C 214 24.83 -17.73 19.36
N ARG C 215 24.26 -17.81 20.56
CA ARG C 215 23.14 -18.70 20.80
C ARG C 215 21.95 -18.29 19.94
N SER C 216 21.33 -19.29 19.31
CA SER C 216 20.22 -19.05 18.39
C SER C 216 19.11 -20.06 18.66
N LYS C 217 17.90 -19.70 18.20
CA LYS C 217 16.72 -20.54 18.35
C LYS C 217 16.39 -21.17 17.01
N ARG C 218 16.08 -22.47 17.03
CA ARG C 218 15.75 -23.23 15.82
C ARG C 218 16.87 -23.14 14.78
N ARG C 219 18.11 -23.19 15.25
CA ARG C 219 19.26 -23.19 14.35
C ARG C 219 19.41 -24.52 13.63
N HIS C 220 18.78 -25.58 14.13
CA HIS C 220 18.88 -26.89 13.50
C HIS C 220 18.29 -26.87 12.10
N ARG C 221 17.18 -26.14 11.93
CA ARG C 221 16.55 -26.04 10.62
C ARG C 221 17.49 -25.40 9.60
N THR C 222 18.15 -24.31 10.00
CA THR C 222 19.06 -23.63 9.09
C THR C 222 20.28 -24.51 8.79
N VAL C 223 20.79 -25.22 9.80
CA VAL C 223 21.93 -26.11 9.59
C VAL C 223 21.56 -27.19 8.57
N LYS C 224 20.43 -27.84 8.82
CA LYS C 224 19.90 -28.84 7.87
C LYS C 224 19.81 -28.23 6.47
N LEU C 225 19.08 -27.13 6.29
CA LEU C 225 18.88 -26.59 4.92
C LEU C 225 20.21 -26.17 4.27
N ILE C 226 21.22 -25.68 5.00
CA ILE C 226 22.50 -25.38 4.38
C ILE C 226 23.17 -26.67 3.91
N PHE C 227 23.16 -27.69 4.77
CA PHE C 227 23.79 -28.95 4.40
C PHE C 227 23.08 -29.59 3.22
N ALA C 228 21.74 -29.54 3.19
CA ALA C 228 21.00 -30.10 2.08
C ALA C 228 21.30 -29.36 0.78
N ILE C 229 21.39 -28.04 0.84
CA ILE C 229 21.68 -27.26 -0.36
C ILE C 229 23.05 -27.60 -0.91
N VAL C 230 24.05 -27.66 -0.03
CA VAL C 230 25.40 -27.97 -0.49
C VAL C 230 25.47 -29.38 -1.06
N VAL C 231 24.85 -30.34 -0.37
CA VAL C 231 24.89 -31.73 -0.83
C VAL C 231 24.19 -31.87 -2.18
N ALA C 232 23.03 -31.22 -2.34
CA ALA C 232 22.31 -31.31 -3.61
C ALA C 232 23.11 -30.69 -4.74
N TYR C 233 23.72 -29.52 -4.50
CA TYR C 233 24.52 -28.89 -5.55
C TYR C 233 25.69 -29.77 -5.96
N PHE C 234 26.40 -30.33 -4.97
CA PHE C 234 27.53 -31.19 -5.28
C PHE C 234 27.07 -32.43 -6.05
N LEU C 235 26.02 -33.10 -5.58
CA LEU C 235 25.56 -34.30 -6.24
C LEU C 235 25.09 -34.01 -7.66
N SER C 236 24.54 -32.82 -7.90
CA SER C 236 24.06 -32.48 -9.23
C SER C 236 25.22 -32.19 -10.18
N TRP C 237 26.23 -31.45 -9.72
CA TRP C 237 27.19 -30.86 -10.64
C TRP C 237 28.61 -31.40 -10.55
N GLY C 238 28.88 -32.33 -9.65
CA GLY C 238 30.23 -32.86 -9.52
C GLY C 238 30.50 -34.08 -10.39
N PRO C 239 29.73 -35.14 -10.19
CA PRO C 239 29.94 -36.35 -11.02
C PRO C 239 29.78 -36.11 -12.51
N TYR C 240 28.87 -35.22 -12.90
CA TYR C 240 28.70 -34.92 -14.33
C TYR C 240 29.96 -34.31 -14.92
N ASN C 241 30.55 -33.35 -14.22
CA ASN C 241 31.80 -32.75 -14.70
C ASN C 241 32.98 -33.71 -14.63
N PHE C 242 33.04 -34.57 -13.61
CA PHE C 242 34.11 -35.56 -13.58
C PHE C 242 34.00 -36.54 -14.75
N THR C 243 32.77 -36.99 -15.06
CA THR C 243 32.59 -37.87 -16.20
C THR C 243 32.90 -37.17 -17.51
N LEU C 244 32.55 -35.89 -17.61
CA LEU C 244 32.91 -35.12 -18.80
C LEU C 244 34.42 -35.00 -18.94
N PHE C 245 35.13 -34.85 -17.81
CA PHE C 245 36.58 -34.76 -17.87
C PHE C 245 37.20 -36.10 -18.27
N LEU C 246 36.61 -37.21 -17.83
CA LEU C 246 37.07 -38.52 -18.30
C LEU C 246 36.82 -38.68 -19.80
N GLN C 247 35.64 -38.23 -20.26
CA GLN C 247 35.32 -38.33 -21.68
C GLN C 247 36.27 -37.48 -22.52
N THR C 248 36.60 -36.28 -22.05
CA THR C 248 37.49 -35.42 -22.82
C THR C 248 38.93 -35.93 -22.81
N LEU C 249 39.24 -36.89 -21.94
CA LEU C 249 40.53 -37.57 -22.00
C LEU C 249 40.48 -38.77 -22.95
N PHE C 250 39.35 -39.49 -22.95
CA PHE C 250 39.20 -40.60 -23.89
C PHE C 250 39.13 -40.12 -25.34
N ARG C 251 38.44 -39.00 -25.57
CA ARG C 251 38.27 -38.48 -26.93
C ARG C 251 39.60 -38.05 -27.52
N THR C 252 40.47 -37.47 -26.70
CA THR C 252 41.81 -37.13 -27.14
C THR C 252 42.65 -38.37 -27.44
N GLN C 253 42.15 -39.54 -27.06
CA GLN C 253 42.76 -40.84 -27.36
C GLN C 253 44.11 -40.98 -26.65
N ILE C 254 44.08 -40.73 -25.34
CA ILE C 254 45.20 -41.05 -24.47
C ILE C 254 45.01 -42.40 -23.78
N ILE C 255 43.79 -42.92 -23.72
CA ILE C 255 43.50 -44.24 -23.20
C ILE C 255 42.72 -45.01 -24.26
N ARG C 256 43.17 -46.22 -24.57
CA ARG C 256 42.60 -47.03 -25.64
C ARG C 256 41.78 -48.20 -25.13
N SER C 257 41.19 -48.07 -23.94
CA SER C 257 40.38 -49.14 -23.36
C SER C 257 38.98 -49.03 -23.92
N CYS C 258 38.63 -49.94 -24.85
CA CYS C 258 37.31 -49.91 -25.44
C CYS C 258 36.24 -50.35 -24.46
N GLU C 259 36.57 -51.27 -23.54
CA GLU C 259 35.60 -51.73 -22.56
C GLU C 259 35.20 -50.63 -21.60
N ALA C 260 36.14 -49.77 -21.21
CA ALA C 260 35.84 -48.69 -20.28
C ALA C 260 34.84 -47.70 -20.87
N LYS C 261 34.84 -47.54 -22.19
CA LYS C 261 33.89 -46.63 -22.82
C LYS C 261 32.45 -47.07 -22.59
N GLN C 262 32.22 -48.38 -22.51
CA GLN C 262 30.87 -48.88 -22.29
C GLN C 262 30.32 -48.41 -20.96
N GLN C 263 31.13 -48.48 -19.90
CA GLN C 263 30.70 -47.98 -18.59
C GLN C 263 30.68 -46.47 -18.54
N LEU C 264 31.61 -45.82 -19.25
CA LEU C 264 31.65 -44.36 -19.26
C LEU C 264 30.39 -43.79 -19.90
N GLU C 265 29.85 -44.46 -20.92
CA GLU C 265 28.62 -43.98 -21.55
C GLU C 265 27.45 -44.02 -20.57
N TYR C 266 27.30 -45.12 -19.82
CA TYR C 266 26.23 -45.20 -18.84
C TYR C 266 26.41 -44.17 -17.74
N ALA C 267 27.65 -43.98 -17.29
CA ALA C 267 27.93 -42.95 -16.29
C ALA C 267 27.57 -41.58 -16.81
N LEU C 268 27.90 -41.29 -18.06
CA LEU C 268 27.57 -40.00 -18.65
C LEU C 268 26.06 -39.82 -18.72
N LEU C 269 25.33 -40.87 -19.09
CA LEU C 269 23.87 -40.79 -19.12
C LEU C 269 23.32 -40.41 -17.76
N ILE C 270 23.72 -41.17 -16.73
CA ILE C 270 23.18 -40.93 -15.39
C ILE C 270 23.56 -39.55 -14.89
N CYS C 271 24.82 -39.15 -15.08
CA CYS C 271 25.29 -37.88 -14.57
C CYS C 271 24.66 -36.71 -15.31
N ARG C 272 24.47 -36.82 -16.62
CA ARG C 272 23.82 -35.76 -17.37
C ARG C 272 22.37 -35.58 -16.92
N ASN C 273 21.68 -36.70 -16.70
CA ASN C 273 20.32 -36.58 -16.18
C ASN C 273 20.30 -35.94 -14.80
N LEU C 274 21.26 -36.31 -13.95
CA LEU C 274 21.35 -35.72 -12.62
C LEU C 274 21.60 -34.22 -12.71
N ALA C 275 22.48 -33.80 -13.60
CA ALA C 275 22.79 -32.38 -13.75
C ALA C 275 21.58 -31.61 -14.28
N PHE C 276 20.86 -32.18 -15.25
CA PHE C 276 19.70 -31.49 -15.79
C PHE C 276 18.50 -31.57 -14.87
N SER C 277 18.56 -32.37 -13.82
CA SER C 277 17.51 -32.35 -12.81
C SER C 277 17.46 -31.05 -12.03
N HIS C 278 18.47 -30.19 -12.17
CA HIS C 278 18.53 -28.96 -11.38
C HIS C 278 17.40 -28.00 -11.75
N CYS C 279 16.99 -27.96 -13.01
CA CYS C 279 15.96 -27.00 -13.42
C CYS C 279 14.61 -27.29 -12.76
N CYS C 280 14.44 -28.49 -12.19
CA CYS C 280 13.27 -28.79 -11.38
C CYS C 280 13.57 -28.86 -9.89
N PHE C 281 14.81 -29.15 -9.52
CA PHE C 281 15.16 -29.23 -8.10
C PHE C 281 15.33 -27.85 -7.46
N ASN C 282 15.77 -26.85 -8.23
CA ASN C 282 16.10 -25.55 -7.65
C ASN C 282 14.94 -24.84 -6.97
N PRO C 283 13.74 -24.75 -7.56
CA PRO C 283 12.67 -24.00 -6.89
C PRO C 283 12.29 -24.55 -5.53
N VAL C 284 12.37 -25.87 -5.34
CA VAL C 284 12.06 -26.46 -4.05
C VAL C 284 13.07 -26.01 -3.00
N LEU C 285 14.36 -26.04 -3.33
CA LEU C 285 15.39 -25.75 -2.35
C LEU C 285 15.63 -24.27 -2.15
N TYR C 286 15.19 -23.41 -3.06
CA TYR C 286 15.51 -21.99 -2.96
C TYR C 286 14.30 -21.08 -2.80
N VAL C 287 13.09 -21.59 -2.99
CA VAL C 287 11.92 -20.72 -2.95
C VAL C 287 10.92 -21.21 -1.91
N PHE C 288 10.42 -22.44 -2.07
CA PHE C 288 9.29 -22.88 -1.28
C PHE C 288 9.67 -23.52 0.04
N VAL C 289 10.93 -23.90 0.23
CA VAL C 289 11.33 -24.44 1.52
C VAL C 289 11.29 -23.35 2.58
N GLY C 290 11.49 -22.10 2.18
CA GLY C 290 11.34 -21.00 3.12
C GLY C 290 9.88 -20.82 3.51
N VAL C 291 9.67 -20.17 4.66
CA VAL C 291 8.32 -20.10 5.22
C VAL C 291 7.52 -18.98 4.57
N LYS C 292 8.18 -17.89 4.16
CA LYS C 292 7.46 -16.75 3.59
C LYS C 292 6.78 -17.13 2.28
N PHE C 293 7.55 -17.69 1.35
CA PHE C 293 7.00 -18.07 0.06
C PHE C 293 5.99 -19.21 0.21
N ARG C 294 6.23 -20.12 1.15
CA ARG C 294 5.30 -21.22 1.36
C ARG C 294 3.95 -20.71 1.87
N THR C 295 3.98 -19.76 2.82
CA THR C 295 2.73 -19.18 3.30
C THR C 295 2.03 -18.36 2.22
N HIS C 296 2.81 -17.65 1.39
CA HIS C 296 2.20 -16.92 0.28
C HIS C 296 1.55 -17.86 -0.72
N LEU C 297 2.19 -19.01 -0.99
CA LEU C 297 1.59 -20.01 -1.86
C LEU C 297 0.33 -20.60 -1.24
N LYS C 298 0.34 -20.80 0.08
CA LYS C 298 -0.87 -21.29 0.75
C LYS C 298 -2.01 -20.27 0.62
N HIS C 299 -1.69 -18.98 0.74
CA HIS C 299 -2.70 -17.95 0.52
C HIS C 299 -3.21 -17.99 -0.93
N VAL C 300 -2.30 -18.18 -1.88
CA VAL C 300 -2.67 -18.26 -3.29
C VAL C 300 -3.58 -19.46 -3.58
N LEU C 301 -3.35 -20.60 -2.92
CA LEU C 301 -4.08 -21.81 -3.25
C LEU C 301 -5.58 -21.64 -3.05
N ARG C 302 -5.99 -20.77 -2.11
CA ARG C 302 -7.41 -20.51 -1.93
C ARG C 302 -8.01 -19.84 -3.16
N ASP D 16 -28.75 3.97 47.81
CA ASP D 16 -29.21 2.66 47.28
C ASP D 16 -30.71 2.71 47.00
N GLN D 17 -31.43 3.65 47.62
CA GLN D 17 -32.87 3.77 47.28
C GLN D 17 -32.97 4.13 45.80
N LEU D 18 -32.17 5.10 45.37
CA LEU D 18 -32.18 5.53 43.95
C LEU D 18 -31.74 4.34 43.10
N ARG D 19 -30.77 3.56 43.58
CA ARG D 19 -30.25 2.41 42.81
C ARG D 19 -31.39 1.42 42.55
N GLN D 20 -32.17 1.11 43.59
CA GLN D 20 -33.34 0.20 43.41
C GLN D 20 -34.37 0.85 42.46
N GLU D 21 -34.57 2.16 42.57
CA GLU D 21 -35.51 2.85 41.66
C GLU D 21 -35.04 2.63 40.22
N ALA D 22 -33.74 2.78 39.97
CA ALA D 22 -33.19 2.61 38.61
C ALA D 22 -33.48 1.20 38.15
N GLU D 23 -33.29 0.21 39.03
CA GLU D 23 -33.64 -1.14 38.59
C GLU D 23 -35.14 -1.26 38.33
N GLN D 24 -35.96 -0.57 39.14
CA GLN D 24 -37.40 -0.60 38.93
C GLN D 24 -37.78 0.00 37.58
N LEU D 25 -37.13 1.11 37.20
CA LEU D 25 -37.41 1.73 35.91
C LEU D 25 -36.96 0.83 34.76
N LYS D 26 -35.83 0.15 34.92
CA LYS D 26 -35.37 -0.77 33.89
C LYS D 26 -36.38 -1.89 33.67
N ASN D 27 -37.05 -2.31 34.74
CA ASN D 27 -38.15 -3.27 34.58
C ASN D 27 -39.28 -2.67 33.77
N GLN D 28 -39.60 -1.40 34.01
CA GLN D 28 -40.62 -0.72 33.23
C GLN D 28 -40.20 -0.60 31.77
N ILE D 29 -38.93 -0.30 31.51
CA ILE D 29 -38.44 -0.15 30.14
C ILE D 29 -38.57 -1.48 29.41
N ARG D 30 -38.20 -2.58 30.06
CA ARG D 30 -38.30 -3.89 29.43
C ARG D 30 -39.74 -4.25 29.14
N ASP D 31 -40.67 -3.90 30.04
CA ASP D 31 -42.08 -4.19 29.82
C ASP D 31 -42.62 -3.43 28.61
N ALA D 32 -42.22 -2.17 28.47
CA ALA D 32 -42.68 -1.39 27.32
C ALA D 32 -42.18 -1.98 26.01
N ARG D 33 -40.92 -2.42 25.98
CA ARG D 33 -40.37 -3.02 24.77
C ARG D 33 -41.08 -4.32 24.42
N LYS D 34 -41.39 -5.15 25.41
CA LYS D 34 -42.06 -6.42 25.16
C LYS D 34 -43.50 -6.21 24.69
N ALA D 35 -44.16 -5.20 25.24
CA ALA D 35 -45.55 -4.91 24.88
C ALA D 35 -45.68 -4.51 23.42
N CYS D 36 -44.63 -3.90 22.86
CA CYS D 36 -44.63 -3.46 21.48
C CYS D 36 -44.17 -4.53 20.50
N ALA D 37 -43.70 -5.67 20.98
CA ALA D 37 -43.21 -6.74 20.11
C ALA D 37 -44.37 -7.66 19.77
N ASP D 38 -45.27 -7.18 18.91
CA ASP D 38 -46.41 -7.97 18.47
C ASP D 38 -46.04 -9.06 17.47
N ALA D 39 -44.93 -8.90 16.76
CA ALA D 39 -44.47 -9.86 15.79
C ALA D 39 -42.97 -9.68 15.60
N THR D 40 -42.42 -10.33 14.59
CA THR D 40 -41.00 -10.26 14.28
C THR D 40 -40.81 -9.95 12.79
N LEU D 41 -39.64 -9.40 12.46
CA LEU D 41 -39.32 -9.13 11.07
C LEU D 41 -39.24 -10.41 10.26
N SER D 42 -38.77 -11.50 10.86
CA SER D 42 -38.69 -12.78 10.17
C SER D 42 -40.06 -13.38 9.88
N GLN D 43 -41.07 -13.07 10.68
CA GLN D 43 -42.42 -13.58 10.44
C GLN D 43 -43.19 -12.77 9.41
N ILE D 44 -42.69 -11.60 9.02
CA ILE D 44 -43.34 -10.75 8.03
C ILE D 44 -42.80 -10.99 6.63
N THR D 45 -41.48 -11.21 6.51
CA THR D 45 -40.84 -11.43 5.22
C THR D 45 -40.80 -12.90 4.82
N ASN D 46 -41.74 -13.70 5.30
CA ASN D 46 -41.79 -15.12 4.95
C ASN D 46 -42.24 -15.35 3.51
N ASN D 47 -42.97 -14.40 2.93
CA ASN D 47 -43.48 -14.54 1.56
C ASN D 47 -42.67 -13.76 0.54
N ILE D 48 -41.60 -13.07 0.95
CA ILE D 48 -40.82 -12.29 0.02
C ILE D 48 -39.86 -13.19 -0.75
N ASP D 49 -39.55 -12.79 -1.99
CA ASP D 49 -38.67 -13.57 -2.84
C ASP D 49 -37.23 -13.47 -2.35
N PRO D 50 -36.54 -14.59 -2.18
CA PRO D 50 -35.15 -14.54 -1.72
C PRO D 50 -34.24 -13.87 -2.73
N VAL D 51 -33.24 -13.16 -2.20
CA VAL D 51 -32.24 -12.54 -3.05
C VAL D 51 -31.28 -13.61 -3.56
N GLY D 52 -31.02 -13.61 -4.86
CA GLY D 52 -30.18 -14.62 -5.46
C GLY D 52 -28.73 -14.49 -5.05
N ARG D 53 -27.94 -15.46 -5.47
CA ARG D 53 -26.51 -15.49 -5.15
C ARG D 53 -25.83 -14.28 -5.76
N ILE D 54 -25.33 -13.39 -4.92
CA ILE D 54 -24.70 -12.14 -5.37
C ILE D 54 -23.23 -12.43 -5.61
N GLN D 55 -22.85 -12.50 -6.88
CA GLN D 55 -21.47 -12.74 -7.27
C GLN D 55 -20.83 -11.41 -7.65
N MET D 56 -19.84 -10.99 -6.88
CA MET D 56 -19.10 -9.78 -7.17
C MET D 56 -17.67 -10.11 -7.58
N ARG D 57 -17.15 -9.34 -8.53
CA ARG D 57 -15.81 -9.54 -9.07
C ARG D 57 -14.97 -8.30 -8.81
N THR D 58 -13.66 -8.50 -8.75
CA THR D 58 -12.74 -7.40 -8.51
C THR D 58 -12.47 -6.67 -9.82
N ARG D 59 -12.90 -5.41 -9.90
CA ARG D 59 -12.65 -4.59 -11.07
C ARG D 59 -11.32 -3.86 -10.97
N ARG D 60 -11.05 -3.25 -9.82
CA ARG D 60 -9.82 -2.53 -9.58
C ARG D 60 -9.12 -3.06 -8.34
N THR D 61 -7.80 -2.99 -8.35
CA THR D 61 -6.97 -3.29 -7.19
C THR D 61 -6.03 -2.11 -7.00
N LEU D 62 -6.30 -1.30 -5.98
CA LEU D 62 -5.56 -0.05 -5.75
C LEU D 62 -4.35 -0.38 -4.88
N ARG D 63 -3.17 -0.36 -5.49
CA ARG D 63 -1.93 -0.69 -4.81
C ARG D 63 -1.13 0.58 -4.53
N GLY D 64 -0.24 0.50 -3.55
CA GLY D 64 0.62 1.61 -3.23
C GLY D 64 0.88 1.79 -1.75
N HIS D 65 -0.01 1.25 -0.91
CA HIS D 65 0.21 1.28 0.53
C HIS D 65 1.23 0.22 0.92
N LEU D 66 2.09 0.56 1.88
CA LEU D 66 3.16 -0.31 2.32
C LEU D 66 2.93 -0.87 3.73
N ALA D 67 1.73 -0.70 4.27
CA ALA D 67 1.41 -1.20 5.60
C ALA D 67 -0.08 -1.48 5.64
N LYS D 68 -0.60 -1.81 6.82
CA LYS D 68 -2.00 -2.18 6.98
C LYS D 68 -2.90 -0.98 6.74
N ILE D 69 -4.01 -1.22 6.05
CA ILE D 69 -5.02 -0.19 5.78
C ILE D 69 -6.08 -0.25 6.87
N TYR D 70 -6.29 0.86 7.57
CA TYR D 70 -7.15 0.87 8.74
C TYR D 70 -8.52 1.51 8.51
N ALA D 71 -8.64 2.42 7.55
CA ALA D 71 -9.93 3.04 7.28
C ALA D 71 -9.94 3.63 5.88
N MET D 72 -11.14 3.83 5.35
CA MET D 72 -11.31 4.52 4.08
C MET D 72 -12.69 5.17 4.05
N HIS D 73 -12.85 6.13 3.14
CA HIS D 73 -14.11 6.82 2.98
C HIS D 73 -14.29 7.24 1.53
N TRP D 74 -15.53 7.18 1.06
CA TRP D 74 -15.89 7.61 -0.29
C TRP D 74 -16.21 9.09 -0.31
N GLY D 75 -15.95 9.73 -1.45
CA GLY D 75 -16.45 11.06 -1.67
C GLY D 75 -17.90 11.06 -2.10
N THR D 76 -18.51 12.26 -2.06
CA THR D 76 -19.91 12.37 -2.44
C THR D 76 -20.12 12.26 -3.95
N ASP D 77 -19.05 12.32 -4.74
CA ASP D 77 -19.15 12.16 -6.19
C ASP D 77 -18.96 10.71 -6.62
N SER D 78 -18.73 9.80 -5.68
CA SER D 78 -18.64 8.36 -5.92
C SER D 78 -17.47 7.98 -6.81
N ARG D 79 -16.49 8.86 -6.95
CA ARG D 79 -15.32 8.58 -7.78
C ARG D 79 -14.02 8.62 -7.01
N LEU D 80 -13.85 9.58 -6.12
CA LEU D 80 -12.65 9.71 -5.31
C LEU D 80 -12.85 9.08 -3.94
N LEU D 81 -11.82 8.42 -3.44
CA LEU D 81 -11.86 7.84 -2.10
C LEU D 81 -10.51 8.06 -1.44
N VAL D 82 -10.54 8.23 -0.12
CA VAL D 82 -9.34 8.46 0.68
C VAL D 82 -9.11 7.24 1.56
N SER D 83 -7.84 6.84 1.67
CA SER D 83 -7.47 5.66 2.43
C SER D 83 -6.34 6.02 3.39
N ALA D 84 -6.42 5.49 4.61
CA ALA D 84 -5.44 5.74 5.65
C ALA D 84 -4.75 4.43 6.01
N SER D 85 -3.42 4.46 6.02
CA SER D 85 -2.62 3.30 6.38
C SER D 85 -1.60 3.70 7.44
N GLN D 86 -1.06 2.71 8.14
CA GLN D 86 -0.19 2.94 9.28
C GLN D 86 1.25 3.21 8.87
N ASP D 87 1.49 3.54 7.60
CA ASP D 87 2.78 4.07 7.17
C ASP D 87 2.83 5.58 7.28
N GLY D 88 1.72 6.23 7.61
CA GLY D 88 1.66 7.67 7.75
C GLY D 88 1.31 8.38 6.47
N LYS D 89 0.37 7.83 5.70
CA LYS D 89 0.01 8.39 4.41
C LYS D 89 -1.50 8.36 4.20
N LEU D 90 -2.01 9.45 3.64
CA LEU D 90 -3.38 9.52 3.13
C LEU D 90 -3.31 9.68 1.62
N ILE D 91 -3.96 8.78 0.89
CA ILE D 91 -3.94 8.78 -0.57
C ILE D 91 -5.36 8.99 -1.07
N ILE D 92 -5.53 9.94 -1.98
CA ILE D 92 -6.81 10.20 -2.63
C ILE D 92 -6.75 9.58 -4.02
N TRP D 93 -7.46 8.47 -4.21
CA TRP D 93 -7.40 7.70 -5.44
C TRP D 93 -8.51 8.13 -6.39
N ASP D 94 -8.26 7.96 -7.68
CA ASP D 94 -9.29 8.08 -8.70
C ASP D 94 -9.65 6.66 -9.15
N SER D 95 -10.70 6.10 -8.53
CA SER D 95 -11.03 4.69 -8.68
C SER D 95 -11.36 4.30 -10.11
N TYR D 96 -11.79 5.25 -10.95
CA TYR D 96 -12.06 4.92 -12.34
C TYR D 96 -10.79 4.53 -13.09
N THR D 97 -9.69 5.24 -12.84
CA THR D 97 -8.45 5.05 -13.57
C THR D 97 -7.28 4.61 -12.69
N THR D 98 -7.52 4.39 -11.39
CA THR D 98 -6.48 3.95 -10.45
C THR D 98 -5.31 4.94 -10.42
N ASN D 99 -5.61 6.23 -10.37
CA ASN D 99 -4.59 7.26 -10.24
C ASN D 99 -4.53 7.78 -8.83
N LYS D 100 -3.36 8.27 -8.42
CA LYS D 100 -3.19 8.88 -7.11
C LYS D 100 -3.21 10.39 -7.25
N VAL D 101 -4.32 11.02 -6.87
CA VAL D 101 -4.43 12.47 -6.98
C VAL D 101 -3.53 13.16 -5.96
N HIS D 102 -3.53 12.68 -4.72
CA HIS D 102 -2.78 13.29 -3.64
C HIS D 102 -2.16 12.22 -2.76
N ALA D 103 -1.09 12.59 -2.07
CA ALA D 103 -0.49 11.75 -1.04
C ALA D 103 -0.06 12.65 0.10
N ILE D 104 -0.83 12.62 1.19
CA ILE D 104 -0.66 13.54 2.32
C ILE D 104 0.18 12.84 3.38
N PRO D 105 1.34 13.39 3.76
CA PRO D 105 2.11 12.80 4.85
C PRO D 105 1.61 13.27 6.21
N LEU D 106 1.50 12.31 7.13
CA LEU D 106 0.97 12.59 8.45
C LEU D 106 2.10 12.73 9.47
N ARG D 107 1.83 13.53 10.51
CA ARG D 107 2.78 13.69 11.59
C ARG D 107 2.83 12.49 12.53
N SER D 108 1.73 11.76 12.68
CA SER D 108 1.67 10.57 13.51
C SER D 108 1.24 9.40 12.65
N SER D 109 2.04 8.35 12.62
CA SER D 109 1.76 7.20 11.75
C SER D 109 0.66 6.31 12.29
N TRP D 110 0.21 6.54 13.53
CA TRP D 110 -0.82 5.71 14.14
C TRP D 110 -2.20 6.30 13.87
N VAL D 111 -2.67 6.08 12.65
CA VAL D 111 -3.96 6.58 12.19
C VAL D 111 -4.94 5.43 12.07
N MET D 112 -6.11 5.60 12.68
CA MET D 112 -7.14 4.56 12.61
C MET D 112 -8.47 5.07 12.06
N THR D 113 -8.57 6.28 11.55
CA THR D 113 -9.81 6.77 10.97
C THR D 113 -9.49 7.79 9.88
N CYS D 114 -10.45 7.97 8.98
CA CYS D 114 -10.35 8.95 7.91
C CYS D 114 -11.74 9.38 7.51
N ALA D 115 -11.82 10.56 6.90
CA ALA D 115 -13.11 11.11 6.49
C ALA D 115 -12.93 11.97 5.25
N TYR D 116 -14.03 12.12 4.52
CA TYR D 116 -14.09 12.99 3.35
C TYR D 116 -15.25 13.96 3.53
N ALA D 117 -14.98 15.24 3.32
CA ALA D 117 -16.03 16.24 3.46
C ALA D 117 -17.06 16.08 2.35
N PRO D 118 -18.33 16.37 2.62
CA PRO D 118 -19.34 16.29 1.56
C PRO D 118 -19.06 17.21 0.39
N SER D 119 -18.46 18.38 0.63
CA SER D 119 -18.12 19.28 -0.45
C SER D 119 -16.90 18.82 -1.24
N GLY D 120 -15.96 18.16 -0.56
CA GLY D 120 -14.75 17.70 -1.21
C GLY D 120 -13.53 18.54 -0.98
N ASN D 121 -13.63 19.61 -0.20
CA ASN D 121 -12.50 20.49 0.05
C ASN D 121 -11.61 20.01 1.19
N TYR D 122 -12.14 19.20 2.10
CA TYR D 122 -11.39 18.78 3.29
C TYR D 122 -11.42 17.28 3.44
N VAL D 123 -10.33 16.75 3.98
CA VAL D 123 -10.27 15.39 4.50
C VAL D 123 -9.75 15.47 5.93
N ALA D 124 -10.08 14.43 6.71
CA ALA D 124 -9.71 14.41 8.11
C ALA D 124 -9.13 13.05 8.47
N CYS D 125 -8.31 13.02 9.51
CA CYS D 125 -7.71 11.79 10.00
C CYS D 125 -7.40 11.93 11.48
N GLY D 126 -7.23 10.78 12.13
CA GLY D 126 -6.92 10.75 13.55
C GLY D 126 -6.53 9.37 13.98
N GLY D 127 -6.08 9.26 15.23
CA GLY D 127 -5.63 7.98 15.75
C GLY D 127 -5.19 8.01 17.20
N LEU D 128 -4.07 7.36 17.49
CA LEU D 128 -3.58 7.21 18.85
C LEU D 128 -2.97 8.48 19.44
N ASP D 129 -2.82 9.53 18.64
CA ASP D 129 -2.26 10.78 19.11
C ASP D 129 -3.30 11.72 19.72
N ASN D 130 -4.56 11.31 19.75
CA ASN D 130 -5.66 12.05 20.38
C ASN D 130 -5.91 13.42 19.74
N ILE D 131 -5.50 13.60 18.48
CA ILE D 131 -5.74 14.85 17.75
C ILE D 131 -6.36 14.52 16.41
N CYS D 132 -7.39 15.26 16.02
CA CYS D 132 -8.00 15.14 14.71
C CYS D 132 -7.47 16.27 13.83
N SER D 133 -6.92 15.90 12.68
CA SER D 133 -6.28 16.86 11.78
C SER D 133 -7.16 17.08 10.55
N ILE D 134 -7.43 18.34 10.24
CA ILE D 134 -8.25 18.73 9.10
C ILE D 134 -7.32 19.27 8.02
N TYR D 135 -7.49 18.78 6.80
CA TYR D 135 -6.60 19.12 5.69
C TYR D 135 -7.39 19.89 4.65
N ASN D 136 -6.75 20.89 4.04
CA ASN D 136 -7.37 21.68 2.98
C ASN D 136 -6.81 21.23 1.63
N LEU D 137 -7.67 20.71 0.78
CA LEU D 137 -7.26 20.13 -0.48
C LEU D 137 -7.19 21.14 -1.63
N LYS D 138 -7.95 22.23 -1.54
CA LYS D 138 -8.03 23.21 -2.62
C LYS D 138 -7.48 24.54 -2.12
N THR D 139 -6.17 24.71 -2.24
CA THR D 139 -5.47 25.94 -1.87
C THR D 139 -4.96 26.66 -3.11
N ARG D 140 -4.57 27.91 -2.92
CA ARG D 140 -3.99 28.67 -4.02
C ARG D 140 -2.66 28.08 -4.48
N GLU D 141 -1.82 27.62 -3.57
CA GLU D 141 -0.64 26.89 -3.97
C GLU D 141 -1.04 25.49 -4.45
N GLY D 142 -0.13 24.58 -4.63
CA GLY D 142 -0.43 23.26 -5.14
C GLY D 142 -0.35 22.12 -4.14
N ASN D 143 -0.07 22.40 -2.88
CA ASN D 143 0.09 21.38 -1.86
C ASN D 143 -1.18 21.24 -1.03
N VAL D 144 -1.17 20.26 -0.13
CA VAL D 144 -2.25 20.04 0.82
C VAL D 144 -1.76 20.53 2.18
N ARG D 145 -2.49 21.48 2.76
CA ARG D 145 -2.07 22.16 3.98
C ARG D 145 -2.92 21.70 5.15
N VAL D 146 -2.32 21.74 6.34
CA VAL D 146 -3.02 21.38 7.58
C VAL D 146 -3.76 22.63 8.05
N SER D 147 -5.09 22.54 8.09
CA SER D 147 -5.90 23.70 8.47
C SER D 147 -5.95 23.87 9.98
N ARG D 148 -6.41 22.84 10.69
CA ARG D 148 -6.56 22.92 12.13
C ARG D 148 -6.31 21.55 12.74
N GLU D 149 -5.84 21.57 14.00
CA GLU D 149 -5.57 20.36 14.77
C GLU D 149 -6.46 20.39 16.02
N LEU D 150 -7.52 19.61 16.01
CA LEU D 150 -8.50 19.61 17.09
C LEU D 150 -8.02 18.71 18.22
N ALA D 151 -7.74 19.31 19.37
CA ALA D 151 -7.29 18.59 20.55
C ALA D 151 -8.23 18.87 21.71
N GLY D 152 -8.23 17.96 22.68
CA GLY D 152 -9.12 18.07 23.82
C GLY D 152 -9.62 16.73 24.30
N HIS D 153 -9.31 15.67 23.55
CA HIS D 153 -9.68 14.32 23.93
C HIS D 153 -8.55 13.66 24.73
N THR D 154 -8.93 12.90 25.74
CA THR D 154 -7.99 12.18 26.57
C THR D 154 -7.78 10.74 26.15
N GLY D 155 -8.42 10.31 25.05
CA GLY D 155 -8.29 8.96 24.56
C GLY D 155 -8.05 8.94 23.06
N TYR D 156 -7.76 7.74 22.56
CA TYR D 156 -7.51 7.56 21.14
C TYR D 156 -8.79 7.80 20.34
N LEU D 157 -8.60 8.24 19.10
CA LEU D 157 -9.71 8.57 18.21
C LEU D 157 -10.12 7.36 17.39
N SER D 158 -11.42 7.07 17.35
CA SER D 158 -11.94 5.92 16.65
C SER D 158 -12.60 6.27 15.32
N CYS D 159 -13.42 7.31 15.28
CA CYS D 159 -14.14 7.66 14.07
C CYS D 159 -14.33 9.17 14.01
N CYS D 160 -14.42 9.68 12.78
CA CYS D 160 -14.62 11.11 12.54
C CYS D 160 -15.51 11.29 11.33
N ARG D 161 -16.55 12.09 11.46
CA ARG D 161 -17.50 12.32 10.38
C ARG D 161 -17.80 13.80 10.26
N PHE D 162 -17.94 14.28 9.03
CA PHE D 162 -18.21 15.69 8.78
C PHE D 162 -19.72 15.95 8.78
N LEU D 163 -20.11 17.04 9.44
CA LEU D 163 -21.46 17.58 9.32
C LEU D 163 -21.57 18.56 8.16
N ASP D 164 -20.68 19.54 8.11
CA ASP D 164 -20.52 20.43 6.96
C ASP D 164 -19.06 20.85 6.92
N ASP D 165 -18.77 21.91 6.19
CA ASP D 165 -17.37 22.36 6.06
C ASP D 165 -16.82 22.93 7.35
N ASN D 166 -17.66 23.19 8.36
CA ASN D 166 -17.22 23.82 9.59
C ASN D 166 -17.42 22.99 10.84
N GLN D 167 -18.26 21.96 10.80
CA GLN D 167 -18.54 21.14 11.97
C GLN D 167 -18.11 19.69 11.72
N ILE D 168 -17.48 19.09 12.72
CA ILE D 168 -17.07 17.71 12.69
C ILE D 168 -17.49 17.04 13.99
N VAL D 169 -17.72 15.73 13.93
CA VAL D 169 -18.09 14.94 15.10
C VAL D 169 -17.07 13.82 15.25
N THR D 170 -16.61 13.62 16.49
CA THR D 170 -15.49 12.71 16.74
C THR D 170 -15.85 11.78 17.90
N SER D 171 -15.60 10.49 17.71
CA SER D 171 -15.76 9.48 18.76
C SER D 171 -14.39 9.03 19.24
N SER D 172 -14.21 9.00 20.56
CA SER D 172 -12.93 8.72 21.16
C SER D 172 -13.04 7.56 22.14
N GLY D 173 -11.89 7.04 22.56
CA GLY D 173 -11.83 5.90 23.44
C GLY D 173 -11.91 6.27 24.91
N ASP D 174 -12.29 7.51 25.20
CA ASP D 174 -12.49 7.99 26.57
C ASP D 174 -13.96 8.07 26.94
N THR D 175 -14.79 7.21 26.33
CA THR D 175 -16.21 7.10 26.63
C THR D 175 -16.98 8.38 26.33
N THR D 176 -16.49 9.19 25.39
CA THR D 176 -17.15 10.45 25.05
C THR D 176 -17.14 10.67 23.54
N CYS D 177 -18.15 11.38 23.06
CA CYS D 177 -18.21 11.91 21.71
C CYS D 177 -18.32 13.43 21.81
N ALA D 178 -17.82 14.12 20.79
CA ALA D 178 -17.72 15.56 20.86
C ALA D 178 -18.11 16.19 19.53
N LEU D 179 -18.56 17.44 19.60
CA LEU D 179 -18.89 18.25 18.42
C LEU D 179 -17.97 19.45 18.39
N TRP D 180 -17.35 19.70 17.24
CA TRP D 180 -16.34 20.74 17.12
C TRP D 180 -16.78 21.82 16.15
N ASP D 181 -16.31 23.04 16.40
CA ASP D 181 -16.40 24.14 15.45
C ASP D 181 -14.99 24.42 14.94
N ILE D 182 -14.74 24.15 13.66
CA ILE D 182 -13.39 24.14 13.14
C ILE D 182 -12.75 25.53 13.20
N GLU D 183 -13.51 26.57 12.83
CA GLU D 183 -12.95 27.92 12.79
C GLU D 183 -12.48 28.41 14.16
N THR D 184 -13.10 27.96 15.24
CA THR D 184 -12.62 28.29 16.59
C THR D 184 -11.80 27.17 17.21
N GLY D 185 -12.03 25.93 16.83
CA GLY D 185 -11.27 24.81 17.35
C GLY D 185 -11.72 24.29 18.69
N GLN D 186 -12.86 24.75 19.20
CA GLN D 186 -13.35 24.36 20.51
C GLN D 186 -14.48 23.35 20.37
N GLN D 187 -14.90 22.81 21.51
CA GLN D 187 -15.97 21.83 21.54
C GLN D 187 -17.31 22.53 21.73
N THR D 188 -18.17 22.46 20.71
CA THR D 188 -19.50 23.06 20.83
C THR D 188 -20.38 22.25 21.77
N THR D 189 -20.38 20.92 21.62
CA THR D 189 -21.18 20.04 22.45
C THR D 189 -20.39 18.77 22.76
N THR D 190 -20.51 18.30 24.00
CA THR D 190 -19.83 17.09 24.45
C THR D 190 -20.87 16.08 24.91
N PHE D 191 -20.72 14.84 24.47
CA PHE D 191 -21.69 13.78 24.74
C PHE D 191 -21.08 12.78 25.70
N THR D 192 -21.76 12.55 26.82
CA THR D 192 -21.30 11.66 27.88
C THR D 192 -22.44 10.71 28.26
N GLY D 193 -22.08 9.50 28.66
CA GLY D 193 -23.07 8.51 29.02
C GLY D 193 -22.65 7.08 28.69
N HIS D 194 -21.62 6.91 27.87
CA HIS D 194 -21.08 5.59 27.62
C HIS D 194 -20.19 5.14 28.77
N THR D 195 -20.11 3.82 28.95
CA THR D 195 -19.30 3.22 30.01
C THR D 195 -18.17 2.40 29.41
N GLY D 196 -17.70 2.78 28.23
CA GLY D 196 -16.63 2.07 27.57
C GLY D 196 -16.15 2.84 26.36
N ASP D 197 -15.11 2.30 25.73
CA ASP D 197 -14.48 2.97 24.61
C ASP D 197 -15.43 3.00 23.41
N VAL D 198 -15.62 4.19 22.83
CA VAL D 198 -16.49 4.32 21.67
C VAL D 198 -15.67 3.96 20.42
N MET D 199 -16.21 3.03 19.61
CA MET D 199 -15.47 2.50 18.49
C MET D 199 -16.01 2.91 17.13
N SER D 200 -17.31 3.11 17.00
CA SER D 200 -17.88 3.43 15.69
C SER D 200 -18.92 4.53 15.86
N LEU D 201 -19.17 5.24 14.77
CA LEU D 201 -20.04 6.40 14.76
C LEU D 201 -20.63 6.57 13.37
N SER D 202 -21.94 6.77 13.30
CA SER D 202 -22.64 6.91 12.04
C SER D 202 -23.57 8.12 12.10
N LEU D 203 -23.66 8.85 11.00
CA LEU D 203 -24.51 10.04 10.91
C LEU D 203 -25.78 9.72 10.15
N ALA D 204 -26.90 10.23 10.66
CA ALA D 204 -28.17 10.08 9.99
C ALA D 204 -28.21 10.91 8.71
N PRO D 205 -29.05 10.52 7.74
CA PRO D 205 -29.11 11.29 6.49
C PRO D 205 -29.50 12.75 6.67
N ASP D 206 -30.31 13.08 7.68
CA ASP D 206 -30.70 14.46 7.92
C ASP D 206 -29.69 15.23 8.76
N THR D 207 -28.60 14.59 9.19
CA THR D 207 -27.54 15.22 9.99
C THR D 207 -28.11 15.93 11.21
N ARG D 208 -29.19 15.39 11.77
CA ARG D 208 -29.79 15.89 13.00
C ARG D 208 -29.58 14.93 14.17
N LEU D 209 -29.34 13.65 13.90
CA LEU D 209 -29.10 12.64 14.93
C LEU D 209 -27.93 11.79 14.47
N PHE D 210 -27.30 11.12 15.43
CA PHE D 210 -26.25 10.17 15.09
C PHE D 210 -26.15 9.11 16.19
N VAL D 211 -25.72 7.92 15.80
CA VAL D 211 -25.62 6.78 16.70
C VAL D 211 -24.15 6.48 16.96
N SER D 212 -23.87 5.99 18.17
CA SER D 212 -22.52 5.64 18.57
C SER D 212 -22.52 4.27 19.22
N GLY D 213 -21.56 3.44 18.84
CA GLY D 213 -21.39 2.13 19.43
C GLY D 213 -20.10 2.05 20.22
N ALA D 214 -20.18 1.55 21.46
CA ALA D 214 -19.04 1.55 22.36
C ALA D 214 -18.68 0.12 22.75
N CYS D 215 -17.71 0.00 23.65
CA CYS D 215 -17.14 -1.28 24.06
C CYS D 215 -17.98 -1.99 25.12
N ASP D 216 -19.04 -1.36 25.63
CA ASP D 216 -19.89 -1.95 26.64
C ASP D 216 -21.12 -2.61 26.04
N ALA D 217 -21.06 -3.01 24.77
CA ALA D 217 -22.16 -3.69 24.08
C ALA D 217 -23.45 -2.87 24.13
N SER D 218 -23.31 -1.58 23.80
CA SER D 218 -24.45 -0.67 23.85
C SER D 218 -24.35 0.32 22.70
N ALA D 219 -25.50 0.67 22.14
CA ALA D 219 -25.62 1.70 21.12
C ALA D 219 -26.55 2.79 21.61
N LYS D 220 -26.19 4.04 21.34
CA LYS D 220 -26.93 5.17 21.84
C LYS D 220 -27.24 6.14 20.70
N LEU D 221 -28.43 6.73 20.75
CA LEU D 221 -28.85 7.76 19.80
C LEU D 221 -28.71 9.12 20.45
N TRP D 222 -27.90 9.98 19.87
CA TRP D 222 -27.65 11.32 20.39
C TRP D 222 -28.40 12.34 19.54
N ASP D 223 -28.47 13.57 20.06
CA ASP D 223 -29.13 14.66 19.36
C ASP D 223 -28.11 15.78 19.18
N VAL D 224 -27.75 16.06 17.94
CA VAL D 224 -26.64 16.97 17.67
C VAL D 224 -26.95 18.37 18.18
N ARG D 225 -28.17 18.86 17.94
CA ARG D 225 -28.51 20.22 18.34
C ARG D 225 -28.78 20.34 19.83
N GLU D 226 -29.30 19.29 20.47
CA GLU D 226 -29.58 19.34 21.90
C GLU D 226 -28.39 18.87 22.73
N GLY D 227 -27.97 17.62 22.54
CA GLY D 227 -26.76 17.14 23.19
C GLY D 227 -26.98 16.08 24.25
N MET D 228 -28.09 15.35 24.17
CA MET D 228 -28.43 14.35 25.17
C MET D 228 -28.74 13.01 24.51
N CYS D 229 -28.58 11.95 25.30
CA CYS D 229 -28.77 10.59 24.80
C CYS D 229 -30.25 10.27 24.73
N ARG D 230 -30.81 10.31 23.51
CA ARG D 230 -32.24 10.10 23.33
C ARG D 230 -32.63 8.67 23.67
N GLN D 231 -31.88 7.68 23.18
CA GLN D 231 -32.22 6.28 23.36
C GLN D 231 -30.96 5.46 23.60
N THR D 232 -31.13 4.31 24.23
CA THR D 232 -30.06 3.37 24.49
C THR D 232 -30.48 1.98 24.04
N PHE D 233 -29.56 1.26 23.39
CA PHE D 233 -29.86 -0.04 22.81
C PHE D 233 -28.89 -1.07 23.36
N THR D 234 -29.42 -2.22 23.77
CA THR D 234 -28.63 -3.33 24.28
C THR D 234 -29.00 -4.60 23.53
N GLY D 235 -28.28 -5.68 23.84
CA GLY D 235 -28.54 -6.96 23.22
C GLY D 235 -27.30 -7.73 22.84
N HIS D 236 -26.22 -7.03 22.54
CA HIS D 236 -24.98 -7.69 22.18
C HIS D 236 -24.29 -8.26 23.42
N GLU D 237 -23.37 -9.20 23.18
CA GLU D 237 -22.67 -9.88 24.25
C GLU D 237 -21.20 -9.47 24.37
N SER D 238 -20.64 -8.77 23.40
CA SER D 238 -19.22 -8.44 23.38
C SER D 238 -19.05 -7.03 22.84
N ASP D 239 -17.81 -6.70 22.48
CA ASP D 239 -17.48 -5.37 21.99
C ASP D 239 -18.19 -5.06 20.69
N ILE D 240 -18.59 -3.81 20.52
CA ILE D 240 -19.21 -3.34 19.28
C ILE D 240 -18.14 -2.61 18.46
N ASN D 241 -17.95 -3.04 17.22
CA ASN D 241 -16.87 -2.53 16.39
C ASN D 241 -17.33 -1.71 15.19
N ALA D 242 -18.58 -1.84 14.76
CA ALA D 242 -19.06 -1.10 13.60
C ALA D 242 -20.52 -0.74 13.79
N ILE D 243 -20.92 0.38 13.17
CA ILE D 243 -22.31 0.82 13.17
C ILE D 243 -22.57 1.51 11.84
N CYS D 244 -23.80 1.39 11.35
CA CYS D 244 -24.16 1.98 10.06
C CYS D 244 -25.65 2.27 10.04
N PHE D 245 -26.00 3.50 9.67
CA PHE D 245 -27.39 3.90 9.55
C PHE D 245 -28.04 3.27 8.32
N PHE D 246 -29.29 2.85 8.48
CA PHE D 246 -30.11 2.47 7.35
C PHE D 246 -30.34 3.69 6.44
N PRO D 247 -30.44 3.49 5.13
CA PRO D 247 -30.68 4.63 4.23
C PRO D 247 -31.94 5.42 4.56
N ASN D 248 -32.95 4.82 5.14
CA ASN D 248 -34.15 5.54 5.49
C ASN D 248 -33.83 6.44 6.59
N GLY D 249 -33.17 5.93 7.59
CA GLY D 249 -32.88 6.71 8.77
C GLY D 249 -33.66 6.31 10.01
N ASN D 250 -34.42 5.23 9.96
CA ASN D 250 -35.18 4.74 11.10
C ASN D 250 -34.64 3.41 11.63
N ALA D 251 -33.42 3.04 11.23
CA ALA D 251 -32.82 1.80 11.68
C ALA D 251 -31.31 1.90 11.52
N PHE D 252 -30.60 0.99 12.18
CA PHE D 252 -29.16 0.92 12.03
C PHE D 252 -28.69 -0.49 12.35
N ALA D 253 -27.55 -0.87 11.78
CA ALA D 253 -26.97 -2.19 11.95
C ALA D 253 -25.66 -2.07 12.70
N THR D 254 -25.38 -3.07 13.55
CA THR D 254 -24.20 -3.09 14.38
C THR D 254 -23.39 -4.36 14.10
N GLY D 255 -22.10 -4.28 14.36
CA GLY D 255 -21.24 -5.43 14.23
C GLY D 255 -20.41 -5.61 15.49
N SER D 256 -20.32 -6.85 15.95
CA SER D 256 -19.68 -7.11 17.24
C SER D 256 -18.59 -8.16 17.14
N ASP D 257 -17.87 -8.37 18.24
CA ASP D 257 -16.78 -9.33 18.28
C ASP D 257 -17.26 -10.76 18.53
N ASP D 258 -18.57 -10.96 18.73
CA ASP D 258 -19.13 -12.28 18.92
C ASP D 258 -19.68 -12.88 17.63
N ALA D 259 -19.19 -12.43 16.48
CA ALA D 259 -19.61 -12.94 15.17
C ALA D 259 -21.11 -12.80 14.97
N THR D 260 -21.64 -11.62 15.29
CA THR D 260 -23.07 -11.39 15.22
C THR D 260 -23.36 -9.95 14.84
N CYS D 261 -24.10 -9.76 13.75
CA CYS D 261 -24.69 -8.48 13.41
C CYS D 261 -26.12 -8.42 13.96
N ARG D 262 -26.61 -7.19 14.13
CA ARG D 262 -27.99 -6.98 14.56
C ARG D 262 -28.54 -5.75 13.90
N LEU D 263 -29.86 -5.73 13.72
CA LEU D 263 -30.57 -4.61 13.11
C LEU D 263 -31.53 -4.04 14.14
N PHE D 264 -31.27 -2.82 14.60
CA PHE D 264 -32.09 -2.14 15.58
C PHE D 264 -33.06 -1.19 14.91
N ASP D 265 -33.99 -0.67 15.70
CA ASP D 265 -35.01 0.26 15.22
C ASP D 265 -35.16 1.40 16.22
N LEU D 266 -35.33 2.61 15.70
CA LEU D 266 -35.46 3.79 16.54
C LEU D 266 -36.90 4.03 16.99
N ARG D 267 -37.88 3.85 16.09
CA ARG D 267 -39.27 4.09 16.43
C ARG D 267 -39.83 3.02 17.36
N ALA D 268 -39.35 1.78 17.21
CA ALA D 268 -39.80 0.69 18.07
C ALA D 268 -38.91 0.48 19.29
N ASP D 269 -37.69 1.02 19.27
CA ASP D 269 -36.75 0.91 20.40
C ASP D 269 -36.52 -0.56 20.78
N GLN D 270 -36.09 -1.35 19.80
CA GLN D 270 -35.95 -2.78 19.98
C GLN D 270 -35.05 -3.34 18.88
N GLU D 271 -34.69 -4.60 19.03
CA GLU D 271 -33.90 -5.32 18.05
C GLU D 271 -34.83 -6.13 17.15
N LEU D 272 -34.60 -6.07 15.84
CA LEU D 272 -35.47 -6.71 14.87
C LEU D 272 -34.92 -8.05 14.39
N MET D 273 -33.66 -8.08 13.96
CA MET D 273 -33.05 -9.28 13.42
C MET D 273 -31.61 -9.40 13.89
N THR D 274 -31.12 -10.64 13.92
CA THR D 274 -29.73 -10.94 14.23
C THR D 274 -29.15 -11.76 13.09
N TYR D 275 -27.98 -11.35 12.60
CA TYR D 275 -27.32 -12.00 11.47
C TYR D 275 -26.12 -12.76 12.02
N SER D 276 -26.33 -14.03 12.37
CA SER D 276 -25.28 -14.86 12.93
C SER D 276 -25.35 -16.25 12.31
N HIS D 277 -24.18 -16.80 12.00
CA HIS D 277 -24.07 -18.13 11.42
C HIS D 277 -23.39 -19.05 12.44
N ASP D 278 -23.20 -20.31 12.04
CA ASP D 278 -22.56 -21.29 12.90
C ASP D 278 -21.10 -21.54 12.56
N ASN D 279 -20.68 -21.29 11.33
CA ASN D 279 -19.30 -21.49 10.91
C ASN D 279 -18.47 -20.23 11.04
N ILE D 280 -19.04 -19.13 11.53
CA ILE D 280 -18.33 -17.86 11.71
C ILE D 280 -18.13 -17.65 13.20
N ILE D 281 -16.87 -17.53 13.61
CA ILE D 281 -16.53 -17.31 15.01
C ILE D 281 -15.64 -16.10 15.21
N CYS D 282 -15.35 -15.35 14.15
CA CYS D 282 -14.46 -14.19 14.22
C CYS D 282 -15.25 -12.93 14.49
N GLY D 283 -14.52 -11.84 14.73
CA GLY D 283 -15.14 -10.54 14.94
C GLY D 283 -15.59 -9.91 13.64
N ILE D 284 -16.36 -8.82 13.78
CA ILE D 284 -16.88 -8.06 12.65
C ILE D 284 -16.28 -6.67 12.72
N THR D 285 -15.53 -6.30 11.69
CA THR D 285 -14.79 -5.03 11.70
C THR D 285 -15.54 -3.88 11.04
N SER D 286 -16.25 -4.13 9.94
CA SER D 286 -16.94 -3.09 9.21
C SER D 286 -18.34 -3.56 8.84
N VAL D 287 -19.28 -2.62 8.86
CA VAL D 287 -20.67 -2.89 8.49
C VAL D 287 -21.16 -1.73 7.63
N SER D 288 -21.72 -2.05 6.47
CA SER D 288 -22.28 -1.02 5.59
C SER D 288 -23.46 -1.61 4.82
N PHE D 289 -24.34 -0.73 4.37
CA PHE D 289 -25.55 -1.12 3.65
C PHE D 289 -25.39 -0.81 2.16
N SER D 290 -26.38 -1.24 1.38
CA SER D 290 -26.48 -0.89 -0.03
C SER D 290 -27.34 0.37 -0.17
N LYS D 291 -27.69 0.68 -1.41
CA LYS D 291 -28.48 1.90 -1.65
C LYS D 291 -29.93 1.70 -1.27
N SER D 292 -30.47 0.50 -1.44
CA SER D 292 -31.87 0.24 -1.13
C SER D 292 -32.09 -0.33 0.27
N GLY D 293 -31.04 -0.79 0.93
CA GLY D 293 -31.16 -1.40 2.24
C GLY D 293 -31.45 -2.88 2.21
N ARG D 294 -31.51 -3.50 1.04
CA ARG D 294 -31.77 -4.93 0.94
C ARG D 294 -30.55 -5.77 1.30
N LEU D 295 -29.36 -5.28 1.00
CA LEU D 295 -28.14 -6.00 1.30
C LEU D 295 -27.39 -5.32 2.44
N LEU D 296 -26.70 -6.14 3.24
CA LEU D 296 -25.92 -5.67 4.37
C LEU D 296 -24.54 -6.28 4.29
N LEU D 297 -23.58 -5.52 3.79
CA LEU D 297 -22.19 -5.97 3.70
C LEU D 297 -21.54 -5.89 5.07
N ALA D 298 -20.69 -6.87 5.37
CA ALA D 298 -20.02 -6.94 6.66
C ALA D 298 -18.66 -7.59 6.49
N GLY D 299 -17.64 -6.96 7.08
CA GLY D 299 -16.30 -7.52 7.06
C GLY D 299 -15.99 -8.27 8.34
N TYR D 300 -15.19 -9.32 8.21
CA TYR D 300 -14.88 -10.20 9.33
C TYR D 300 -13.37 -10.34 9.47
N ASP D 301 -12.96 -10.97 10.57
CA ASP D 301 -11.56 -11.22 10.85
C ASP D 301 -11.01 -12.41 10.08
N ASP D 302 -11.87 -13.23 9.48
CA ASP D 302 -11.44 -14.44 8.77
C ASP D 302 -11.05 -14.18 7.33
N PHE D 303 -10.67 -12.94 7.01
CA PHE D 303 -10.05 -12.49 5.77
C PHE D 303 -11.06 -12.35 4.63
N ASN D 304 -12.36 -12.45 4.89
CA ASN D 304 -13.35 -12.35 3.83
C ASN D 304 -14.57 -11.56 4.30
N CYS D 305 -15.37 -11.12 3.33
CA CYS D 305 -16.57 -10.34 3.58
C CYS D 305 -17.78 -11.10 3.10
N ASN D 306 -18.89 -10.95 3.83
CA ASN D 306 -20.13 -11.64 3.51
C ASN D 306 -21.21 -10.62 3.18
N VAL D 307 -22.13 -11.02 2.29
CA VAL D 307 -23.27 -10.19 1.93
C VAL D 307 -24.51 -10.78 2.56
N TRP D 308 -25.11 -10.05 3.49
CA TRP D 308 -26.28 -10.49 4.23
C TRP D 308 -27.52 -9.82 3.68
N ASP D 309 -28.61 -10.55 3.62
CA ASP D 309 -29.88 -9.98 3.19
C ASP D 309 -30.61 -9.45 4.41
N ALA D 310 -30.89 -8.15 4.42
CA ALA D 310 -31.36 -7.48 5.63
C ALA D 310 -32.79 -7.84 6.01
N LEU D 311 -33.53 -8.53 5.16
CA LEU D 311 -34.93 -8.81 5.44
C LEU D 311 -35.24 -10.26 5.76
N LYS D 312 -34.36 -11.20 5.39
CA LYS D 312 -34.55 -12.61 5.73
C LYS D 312 -33.37 -13.20 6.50
N ALA D 313 -32.29 -12.44 6.68
CA ALA D 313 -31.12 -12.87 7.46
C ALA D 313 -30.48 -14.13 6.91
N ASP D 314 -30.44 -14.28 5.58
CA ASP D 314 -29.76 -15.39 4.94
C ASP D 314 -28.61 -14.87 4.10
N ARG D 315 -27.45 -15.50 4.27
CA ARG D 315 -26.27 -15.09 3.53
C ARG D 315 -26.47 -15.29 2.03
N ALA D 316 -25.96 -14.34 1.24
CA ALA D 316 -26.15 -14.36 -0.20
C ALA D 316 -24.89 -14.00 -0.98
N GLY D 317 -23.72 -14.13 -0.38
CA GLY D 317 -22.50 -13.84 -1.10
C GLY D 317 -21.29 -13.83 -0.20
N VAL D 318 -20.15 -14.20 -0.78
CA VAL D 318 -18.87 -14.20 -0.09
C VAL D 318 -17.87 -13.46 -0.96
N LEU D 319 -17.14 -12.52 -0.37
CA LEU D 319 -16.08 -11.80 -1.04
C LEU D 319 -14.75 -12.23 -0.42
N ALA D 320 -13.98 -13.02 -1.16
CA ALA D 320 -12.82 -13.72 -0.61
C ALA D 320 -11.57 -13.42 -1.44
N GLY D 321 -11.32 -12.14 -1.71
CA GLY D 321 -10.15 -11.76 -2.48
C GLY D 321 -9.00 -11.24 -1.67
N HIS D 322 -9.18 -11.12 -0.35
CA HIS D 322 -8.17 -10.51 0.51
C HIS D 322 -7.35 -11.58 1.22
N ASP D 323 -6.17 -11.17 1.67
CA ASP D 323 -5.22 -12.06 2.33
C ASP D 323 -5.10 -11.85 3.83
N ASN D 324 -5.63 -10.76 4.37
CA ASN D 324 -5.62 -10.52 5.80
C ASN D 324 -6.99 -9.99 6.22
N ARG D 325 -7.07 -9.52 7.46
CA ARG D 325 -8.35 -9.10 8.02
C ARG D 325 -8.88 -7.87 7.29
N VAL D 326 -10.16 -7.93 6.89
CA VAL D 326 -10.80 -6.78 6.26
C VAL D 326 -11.17 -5.78 7.33
N SER D 327 -10.58 -4.58 7.26
CA SER D 327 -10.75 -3.58 8.29
C SER D 327 -11.68 -2.44 7.89
N CYS D 328 -11.76 -2.10 6.61
CA CYS D 328 -12.61 -1.02 6.14
C CYS D 328 -13.45 -1.50 4.97
N LEU D 329 -14.68 -1.00 4.90
CA LEU D 329 -15.62 -1.41 3.87
C LEU D 329 -16.61 -0.27 3.65
N GLY D 330 -16.78 0.14 2.40
CA GLY D 330 -17.63 1.27 2.09
C GLY D 330 -18.35 1.06 0.77
N VAL D 331 -19.50 1.71 0.65
CA VAL D 331 -20.34 1.63 -0.54
C VAL D 331 -20.57 3.05 -1.05
N THR D 332 -20.50 3.22 -2.37
CA THR D 332 -20.65 4.53 -2.97
C THR D 332 -22.05 5.08 -2.74
N ASP D 333 -22.20 6.40 -2.94
CA ASP D 333 -23.47 7.05 -2.74
C ASP D 333 -24.53 6.62 -3.76
N ASP D 334 -24.12 6.15 -4.93
CA ASP D 334 -25.05 5.62 -5.92
C ASP D 334 -25.15 4.11 -5.91
N GLY D 335 -24.43 3.44 -5.00
CA GLY D 335 -24.52 2.00 -4.91
C GLY D 335 -23.83 1.25 -6.03
N MET D 336 -23.00 1.91 -6.81
CA MET D 336 -22.40 1.27 -7.97
C MET D 336 -21.27 0.31 -7.59
N ALA D 337 -20.52 0.64 -6.55
CA ALA D 337 -19.35 -0.15 -6.19
C ALA D 337 -19.29 -0.35 -4.68
N VAL D 338 -18.64 -1.44 -4.29
CA VAL D 338 -18.30 -1.72 -2.89
C VAL D 338 -16.79 -1.90 -2.82
N ALA D 339 -16.13 -1.08 -2.03
CA ALA D 339 -14.69 -1.09 -1.92
C ALA D 339 -14.28 -1.56 -0.54
N THR D 340 -13.45 -2.60 -0.49
CA THR D 340 -12.99 -3.20 0.75
C THR D 340 -11.48 -3.05 0.85
N GLY D 341 -11.01 -2.61 2.01
CA GLY D 341 -9.59 -2.53 2.29
C GLY D 341 -9.26 -3.40 3.48
N SER D 342 -8.13 -4.12 3.40
CA SER D 342 -7.75 -5.07 4.42
C SER D 342 -6.31 -4.80 4.85
N TRP D 343 -5.84 -5.58 5.81
CA TRP D 343 -4.50 -5.43 6.35
C TRP D 343 -3.41 -5.91 5.39
N ASP D 344 -3.77 -6.31 4.18
CA ASP D 344 -2.81 -6.76 3.18
C ASP D 344 -2.34 -5.63 2.27
N SER D 345 -2.58 -4.37 2.66
CA SER D 345 -2.19 -3.15 1.96
C SER D 345 -2.76 -3.04 0.56
N PHE D 346 -3.92 -3.63 0.29
CA PHE D 346 -4.57 -3.50 -1.01
C PHE D 346 -6.02 -3.08 -0.83
N LEU D 347 -6.46 -2.15 -1.67
CA LEU D 347 -7.88 -1.85 -1.81
C LEU D 347 -8.41 -2.55 -3.06
N LYS D 348 -9.68 -2.90 -3.01
CA LYS D 348 -10.32 -3.58 -4.12
C LYS D 348 -11.71 -3.01 -4.34
N ILE D 349 -12.03 -2.68 -5.59
CA ILE D 349 -13.34 -2.17 -5.97
C ILE D 349 -14.14 -3.32 -6.56
N TRP D 350 -15.25 -3.65 -5.91
CA TRP D 350 -16.07 -4.79 -6.29
C TRP D 350 -17.35 -4.30 -6.95
N ASN D 351 -17.81 -5.03 -7.96
CA ASN D 351 -19.03 -4.67 -8.66
C ASN D 351 -19.69 -5.92 -9.24
N ILE E 9 -22.99 9.94 44.52
CA ILE E 9 -24.08 10.53 43.73
C ILE E 9 -23.81 10.57 42.21
N ALA E 10 -23.02 9.65 41.69
CA ALA E 10 -22.84 9.57 40.23
C ALA E 10 -24.09 8.96 39.71
N GLN E 11 -24.71 8.09 40.51
CA GLN E 11 -25.97 7.49 40.16
C GLN E 11 -27.08 8.50 40.20
N ALA E 12 -26.89 9.60 40.91
CA ALA E 12 -27.88 10.65 40.89
C ALA E 12 -28.19 11.02 39.44
N ARG E 13 -27.14 11.33 38.68
CA ARG E 13 -27.32 11.70 37.28
C ARG E 13 -27.95 10.59 36.48
N LYS E 14 -27.34 9.39 36.52
CA LYS E 14 -27.84 8.26 35.73
C LYS E 14 -29.32 8.02 35.88
N LEU E 15 -29.82 8.27 37.08
CA LEU E 15 -31.24 8.03 37.33
C LEU E 15 -32.19 8.82 36.46
N VAL E 16 -32.07 10.12 36.47
CA VAL E 16 -33.03 10.94 35.75
C VAL E 16 -33.13 10.63 34.26
N GLN E 17 -32.04 10.21 33.61
CA GLN E 17 -32.07 9.95 32.19
C GLN E 17 -33.03 8.84 31.89
N GLN E 18 -32.86 7.71 32.54
CA GLN E 18 -33.74 6.57 32.37
C GLN E 18 -35.18 6.89 32.62
N LEU E 19 -35.44 7.86 33.49
CA LEU E 19 -36.80 8.25 33.79
C LEU E 19 -37.28 9.21 32.77
N LYS E 20 -36.84 10.45 32.88
CA LYS E 20 -37.30 11.51 31.98
C LYS E 20 -37.28 11.10 30.53
N MET E 21 -36.22 10.44 30.10
CA MET E 21 -36.14 10.12 28.70
C MET E 21 -36.57 8.72 28.45
N GLU E 22 -35.73 7.75 28.78
CA GLU E 22 -36.01 6.37 28.43
C GLU E 22 -37.40 5.85 28.75
N ALA E 23 -37.95 6.20 29.91
CA ALA E 23 -39.23 5.65 30.29
C ALA E 23 -40.31 6.15 29.37
N ASN E 24 -40.29 7.43 29.04
CA ASN E 24 -41.35 8.01 28.24
C ASN E 24 -40.97 8.29 26.79
N ILE E 25 -40.91 7.26 25.97
CA ILE E 25 -40.67 7.45 24.54
C ILE E 25 -41.83 6.76 23.90
N ASP E 26 -42.63 7.48 23.12
CA ASP E 26 -43.74 6.86 22.40
C ASP E 26 -43.22 5.80 21.46
N ARG E 27 -43.57 4.55 21.71
CA ARG E 27 -43.03 3.48 20.90
C ARG E 27 -44.09 2.79 20.06
N ILE E 28 -43.79 2.52 18.81
CA ILE E 28 -44.77 1.89 17.91
C ILE E 28 -44.56 0.42 17.84
N LYS E 29 -45.49 -0.28 17.22
CA LYS E 29 -45.39 -1.71 17.24
C LYS E 29 -44.40 -2.19 16.20
N VAL E 30 -43.78 -3.33 16.45
CA VAL E 30 -42.78 -3.85 15.56
C VAL E 30 -43.32 -4.07 14.15
N SER E 31 -44.57 -4.41 14.01
CA SER E 31 -45.16 -4.63 12.70
C SER E 31 -45.22 -3.37 11.87
N LYS E 32 -45.78 -2.28 12.38
CA LYS E 32 -45.73 -1.00 11.67
C LYS E 32 -44.30 -0.66 11.31
N ALA E 33 -43.40 -0.74 12.28
CA ALA E 33 -42.00 -0.49 12.04
C ALA E 33 -41.43 -1.30 10.93
N ALA E 34 -41.59 -2.61 10.95
CA ALA E 34 -40.98 -3.47 9.96
C ALA E 34 -41.57 -3.33 8.60
N ALA E 35 -42.88 -3.09 8.53
CA ALA E 35 -43.53 -2.89 7.26
C ALA E 35 -42.86 -1.75 6.55
N ASP E 36 -42.61 -0.65 7.24
CA ASP E 36 -41.88 0.46 6.63
C ASP E 36 -40.47 0.10 6.12
N LEU E 37 -39.69 -0.69 6.83
CA LEU E 37 -38.37 -1.10 6.32
C LEU E 37 -38.52 -1.94 5.06
N MET E 38 -39.37 -2.96 5.06
CA MET E 38 -39.65 -3.75 3.86
C MET E 38 -40.10 -2.88 2.68
N ALA E 39 -41.02 -1.94 2.90
CA ALA E 39 -41.45 -1.01 1.86
C ALA E 39 -40.37 -0.08 1.28
N TYR E 40 -39.39 0.37 2.06
CA TYR E 40 -38.31 1.17 1.51
C TYR E 40 -37.56 0.33 0.57
N CYS E 41 -37.22 -0.88 0.97
CA CYS E 41 -36.42 -1.75 0.13
C CYS E 41 -37.17 -2.31 -1.06
N GLU E 42 -38.36 -1.83 -1.34
CA GLU E 42 -39.15 -2.29 -2.46
C GLU E 42 -39.37 -1.15 -3.39
N ALA E 43 -39.64 0.02 -2.84
CA ALA E 43 -39.77 1.19 -3.67
C ALA E 43 -38.44 1.61 -4.24
N HIS E 44 -37.36 1.49 -3.48
CA HIS E 44 -36.07 1.94 -3.92
C HIS E 44 -35.17 0.81 -4.35
N ALA E 45 -35.74 -0.31 -4.75
CA ALA E 45 -34.99 -1.50 -5.17
C ALA E 45 -34.44 -1.49 -6.58
N LYS E 46 -35.21 -0.99 -7.53
CA LYS E 46 -34.78 -0.94 -8.94
C LYS E 46 -33.51 -0.16 -9.16
N GLU E 47 -33.29 0.87 -8.36
CA GLU E 47 -32.14 1.71 -8.51
C GLU E 47 -30.93 1.25 -7.74
N ASP E 48 -30.96 0.03 -7.24
CA ASP E 48 -29.83 -0.49 -6.54
C ASP E 48 -28.98 -1.28 -7.48
N PRO E 49 -27.73 -0.87 -7.65
CA PRO E 49 -26.86 -1.53 -8.59
C PRO E 49 -26.10 -2.73 -8.07
N LEU E 50 -26.53 -3.38 -6.99
CA LEU E 50 -25.88 -4.62 -6.51
C LEU E 50 -26.93 -5.67 -6.22
N LEU E 51 -28.18 -5.28 -6.07
CA LEU E 51 -29.27 -6.21 -5.89
C LEU E 51 -29.74 -6.52 -7.28
N THR E 52 -30.18 -5.51 -8.02
CA THR E 52 -30.57 -5.68 -9.42
C THR E 52 -29.45 -5.14 -10.26
N PRO E 53 -28.44 -5.96 -10.56
CA PRO E 53 -27.24 -5.47 -11.23
C PRO E 53 -27.44 -4.69 -12.51
N VAL E 54 -26.58 -3.69 -12.73
CA VAL E 54 -26.68 -2.83 -13.91
C VAL E 54 -26.06 -3.38 -15.19
N PRO E 55 -26.67 -3.06 -16.34
CA PRO E 55 -26.10 -3.49 -17.64
C PRO E 55 -24.70 -2.92 -17.88
N ALA E 56 -23.79 -3.74 -18.39
CA ALA E 56 -22.40 -3.29 -18.60
C ALA E 56 -22.36 -1.97 -19.32
N SER E 57 -23.47 -1.26 -19.35
CA SER E 57 -23.50 0.07 -19.95
C SER E 57 -23.48 1.05 -18.81
N GLN E 58 -22.35 1.12 -18.11
CA GLN E 58 -22.24 2.00 -16.95
C GLN E 58 -21.10 1.52 -16.06
N ASN E 59 -21.15 0.27 -15.67
CA ASN E 59 -20.13 -0.23 -14.79
C ASN E 59 -19.03 0.84 -14.71
N PRO E 60 -19.42 2.10 -14.85
CA PRO E 60 -18.34 3.06 -14.83
C PRO E 60 -17.08 2.35 -14.49
N PHE E 61 -17.19 1.09 -14.15
CA PHE E 61 -16.04 0.31 -13.73
C PHE E 61 -15.76 -0.89 -14.63
N ARG E 62 -16.13 -0.82 -15.90
CA ARG E 62 -15.93 -1.95 -16.83
C ARG E 62 -14.45 -2.23 -17.06
N VAL F 1 1.12 34.42 -4.60
CA VAL F 1 1.41 33.79 -5.89
C VAL F 1 1.68 34.86 -6.95
N GLN F 2 2.92 34.91 -7.42
CA GLN F 2 3.29 35.86 -8.47
C GLN F 2 4.43 35.27 -9.28
N LEU F 3 4.42 35.56 -10.58
CA LEU F 3 5.48 35.15 -11.50
C LEU F 3 6.02 36.39 -12.19
N VAL F 4 7.32 36.63 -12.05
CA VAL F 4 7.98 37.78 -12.66
C VAL F 4 9.05 37.26 -13.62
N GLU F 5 9.02 37.76 -14.85
CA GLU F 5 9.96 37.35 -15.88
C GLU F 5 11.01 38.44 -16.09
N SER F 6 12.25 38.01 -16.28
CA SER F 6 13.37 38.92 -16.51
C SER F 6 14.08 38.55 -17.80
N GLY F 7 14.53 39.58 -18.51
CA GLY F 7 15.20 39.38 -19.78
C GLY F 7 14.57 40.17 -20.91
N GLY F 8 14.88 39.81 -22.15
CA GLY F 8 14.32 40.48 -23.30
C GLY F 8 15.03 41.77 -23.63
N GLY F 9 14.55 42.42 -24.69
CA GLY F 9 15.14 43.67 -25.15
C GLY F 9 15.30 43.71 -26.65
N LEU F 10 16.34 44.40 -27.12
CA LEU F 10 16.64 44.52 -28.54
C LEU F 10 17.77 43.57 -28.89
N VAL F 11 17.49 42.63 -29.78
CA VAL F 11 18.46 41.62 -30.20
C VAL F 11 18.54 41.65 -31.72
N GLN F 12 19.76 41.70 -32.25
CA GLN F 12 19.96 41.68 -33.68
C GLN F 12 19.58 40.31 -34.24
N PRO F 13 19.10 40.25 -35.48
CA PRO F 13 18.72 38.97 -36.06
C PRO F 13 19.91 38.01 -36.14
N GLY F 14 19.62 36.73 -35.92
CA GLY F 14 20.64 35.70 -35.89
C GLY F 14 21.32 35.53 -34.54
N GLY F 15 20.98 36.34 -33.55
CA GLY F 15 21.58 36.25 -32.24
C GLY F 15 20.88 35.25 -31.34
N SER F 16 21.27 35.27 -30.07
CA SER F 16 20.72 34.37 -29.08
C SER F 16 20.42 35.15 -27.80
N ARG F 17 19.44 34.65 -27.04
CA ARG F 17 19.03 35.31 -25.81
C ARG F 17 18.36 34.27 -24.91
N LYS F 18 18.41 34.51 -23.60
CA LYS F 18 17.78 33.64 -22.62
C LYS F 18 16.77 34.43 -21.80
N LEU F 19 15.56 33.91 -21.68
CA LEU F 19 14.54 34.52 -20.84
C LEU F 19 14.41 33.76 -19.53
N SER F 20 14.28 34.50 -18.44
CA SER F 20 14.18 33.91 -17.11
C SER F 20 12.89 34.37 -16.44
N CYS F 21 12.29 33.44 -15.69
CA CYS F 21 11.05 33.71 -14.95
C CYS F 21 11.22 33.24 -13.52
N SER F 22 10.93 34.11 -12.56
CA SER F 22 11.07 33.80 -11.15
C SER F 22 9.69 33.58 -10.54
N ALA F 23 9.52 32.44 -9.88
CA ALA F 23 8.24 32.05 -9.30
C ALA F 23 8.35 32.03 -7.79
N SER F 24 7.42 32.70 -7.12
CA SER F 24 7.37 32.74 -5.67
C SER F 24 5.93 32.71 -5.20
N GLY F 25 5.70 32.03 -4.08
CA GLY F 25 4.39 31.99 -3.46
C GLY F 25 3.58 30.73 -3.68
N PHE F 26 4.14 29.72 -4.34
CA PHE F 26 3.42 28.48 -4.56
C PHE F 26 4.43 27.35 -4.76
N ALA F 27 3.93 26.11 -4.69
CA ALA F 27 4.76 24.92 -4.86
C ALA F 27 5.12 24.78 -6.31
N PHE F 28 6.30 25.29 -6.68
CA PHE F 28 6.74 25.28 -8.06
C PHE F 28 6.99 23.87 -8.58
N SER F 29 7.52 22.99 -7.74
CA SER F 29 7.92 21.66 -8.17
C SER F 29 6.75 20.76 -8.55
N SER F 30 5.53 21.15 -8.22
CA SER F 30 4.34 20.36 -8.54
C SER F 30 3.57 20.88 -9.74
N PHE F 31 4.02 21.95 -10.37
CA PHE F 31 3.30 22.61 -11.45
C PHE F 31 4.05 22.47 -12.77
N GLY F 32 3.31 22.17 -13.83
CA GLY F 32 3.85 22.30 -15.17
C GLY F 32 3.84 23.75 -15.61
N MET F 33 4.73 24.07 -16.56
CA MET F 33 4.91 25.44 -16.99
C MET F 33 4.86 25.54 -18.51
N HIS F 34 4.35 26.67 -18.99
CA HIS F 34 4.18 26.93 -20.42
C HIS F 34 4.77 28.28 -20.78
N TRP F 35 5.02 28.49 -22.07
CA TRP F 35 5.38 29.78 -22.61
C TRP F 35 4.38 30.16 -23.70
N VAL F 36 3.72 31.30 -23.54
CA VAL F 36 2.73 31.79 -24.49
C VAL F 36 3.11 33.21 -24.86
N ARG F 37 3.22 33.49 -26.15
CA ARG F 37 3.67 34.77 -26.65
C ARG F 37 2.58 35.49 -27.43
N GLN F 38 2.64 36.81 -27.40
CA GLN F 38 1.69 37.66 -28.12
C GLN F 38 2.46 38.63 -28.99
N ALA F 39 2.32 38.50 -30.30
CA ALA F 39 2.90 39.45 -31.22
C ALA F 39 2.16 40.79 -31.11
N PRO F 40 2.83 41.90 -31.44
CA PRO F 40 2.17 43.20 -31.35
C PRO F 40 0.93 43.26 -32.24
N GLU F 41 -0.18 43.70 -31.64
CA GLU F 41 -1.47 43.84 -32.34
C GLU F 41 -1.91 42.53 -32.99
N LYS F 42 -1.74 41.41 -32.29
CA LYS F 42 -2.18 40.12 -32.79
C LYS F 42 -2.61 39.25 -31.60
N GLY F 43 -2.95 38.00 -31.90
CA GLY F 43 -3.47 37.09 -30.90
C GLY F 43 -2.38 36.34 -30.16
N LEU F 44 -2.82 35.38 -29.34
CA LEU F 44 -1.92 34.57 -28.54
C LEU F 44 -1.40 33.39 -29.36
N GLU F 45 -0.24 32.88 -28.95
CA GLU F 45 0.41 31.77 -29.65
C GLU F 45 1.21 30.94 -28.66
N TRP F 46 1.15 29.62 -28.82
CA TRP F 46 1.85 28.71 -27.93
C TRP F 46 3.29 28.49 -28.39
N VAL F 47 4.19 28.31 -27.42
CA VAL F 47 5.62 28.21 -27.74
C VAL F 47 6.17 26.87 -27.24
N ALA F 48 6.13 26.65 -25.93
CA ALA F 48 6.76 25.47 -25.35
C ALA F 48 6.03 25.06 -24.08
N TYR F 49 6.30 23.84 -23.63
CA TYR F 49 5.70 23.30 -22.41
C TYR F 49 6.67 22.34 -21.75
N ILE F 50 6.89 22.51 -20.45
CA ILE F 50 7.72 21.63 -19.66
C ILE F 50 6.88 21.13 -18.49
N SER F 51 6.95 19.83 -18.21
CA SER F 51 6.09 19.24 -17.20
C SER F 51 6.79 19.16 -15.85
N SER F 52 6.01 18.85 -14.82
CA SER F 52 6.58 18.56 -13.52
C SER F 52 7.31 17.22 -13.58
N GLY F 53 8.53 17.19 -13.05
CA GLY F 53 9.39 16.05 -13.21
C GLY F 53 10.27 16.09 -14.44
N SER F 54 10.07 17.05 -15.33
CA SER F 54 10.92 17.26 -16.50
C SER F 54 11.00 16.03 -17.39
N GLY F 55 9.91 15.27 -17.42
CA GLY F 55 9.84 14.06 -18.19
C GLY F 55 9.10 14.16 -19.50
N THR F 56 8.57 15.33 -19.83
CA THR F 56 7.80 15.50 -21.07
C THR F 56 7.93 16.95 -21.51
N ILE F 57 8.53 17.17 -22.68
CA ILE F 57 8.70 18.51 -23.24
C ILE F 57 8.16 18.51 -24.65
N TYR F 58 7.36 19.52 -24.98
CA TYR F 58 6.81 19.71 -26.31
C TYR F 58 7.08 21.12 -26.80
N TYR F 59 7.27 21.26 -28.10
CA TYR F 59 7.48 22.56 -28.72
C TYR F 59 6.55 22.70 -29.92
N ALA F 60 6.27 23.94 -30.29
CA ALA F 60 5.57 24.23 -31.52
C ALA F 60 6.52 24.08 -32.71
N ASP F 61 5.97 23.65 -33.84
CA ASP F 61 6.79 23.44 -35.03
C ASP F 61 7.47 24.72 -35.52
N THR F 62 6.89 25.88 -35.20
CA THR F 62 7.52 27.14 -35.58
C THR F 62 8.85 27.35 -34.88
N VAL F 63 8.93 27.02 -33.59
CA VAL F 63 10.12 27.29 -32.79
C VAL F 63 10.89 26.03 -32.44
N LYS F 64 10.42 24.85 -32.85
CA LYS F 64 11.12 23.62 -32.53
C LYS F 64 12.46 23.56 -33.25
N GLY F 65 13.51 23.17 -32.53
CA GLY F 65 14.83 23.07 -33.11
C GLY F 65 15.79 24.12 -32.60
N ARG F 66 15.29 25.33 -32.41
CA ARG F 66 16.10 26.45 -31.96
C ARG F 66 15.76 26.95 -30.57
N PHE F 67 14.56 26.66 -30.07
CA PHE F 67 14.13 27.10 -28.75
C PHE F 67 14.18 25.91 -27.79
N THR F 68 14.70 26.16 -26.59
CA THR F 68 14.86 25.12 -25.59
C THR F 68 14.29 25.60 -24.26
N ILE F 69 13.58 24.73 -23.57
CA ILE F 69 12.97 25.04 -22.29
C ILE F 69 13.64 24.22 -21.20
N SER F 70 13.71 24.79 -20.01
CA SER F 70 14.29 24.11 -18.86
C SER F 70 13.79 24.75 -17.59
N ARG F 71 13.88 24.00 -16.49
CA ARG F 71 13.45 24.48 -15.18
C ARG F 71 14.50 24.14 -14.14
N ASP F 72 14.57 24.94 -13.10
CA ASP F 72 15.49 24.73 -11.98
C ASP F 72 14.67 24.76 -10.69
N ASP F 73 14.28 23.58 -10.22
CA ASP F 73 13.41 23.43 -9.05
C ASP F 73 14.01 24.02 -7.77
N PRO F 74 15.28 23.75 -7.43
CA PRO F 74 15.82 24.31 -6.18
C PRO F 74 15.89 25.83 -6.14
N LYS F 75 15.93 26.51 -7.30
CA LYS F 75 16.00 27.95 -7.36
C LYS F 75 14.69 28.61 -7.76
N ASN F 76 13.68 27.82 -8.11
CA ASN F 76 12.35 28.33 -8.48
C ASN F 76 12.43 29.28 -9.66
N THR F 77 13.04 28.81 -10.75
CA THR F 77 13.20 29.61 -11.96
C THR F 77 12.90 28.76 -13.18
N LEU F 78 12.43 29.42 -14.24
CA LEU F 78 12.15 28.79 -15.51
C LEU F 78 12.97 29.49 -16.59
N PHE F 79 13.52 28.70 -17.51
CA PHE F 79 14.45 29.19 -18.52
C PHE F 79 13.93 28.87 -19.92
N LEU F 80 14.25 29.74 -20.87
CA LEU F 80 13.95 29.52 -22.28
C LEU F 80 15.12 30.07 -23.09
N GLN F 81 15.92 29.18 -23.66
CA GLN F 81 17.09 29.57 -24.46
C GLN F 81 16.71 29.59 -25.93
N MET F 82 16.95 30.72 -26.59
CA MET F 82 16.57 30.94 -27.97
C MET F 82 17.83 31.11 -28.81
N THR F 83 17.88 30.42 -29.95
CA THR F 83 19.00 30.52 -30.88
C THR F 83 18.50 30.88 -32.26
N SER F 84 19.26 31.73 -32.96
CA SER F 84 18.93 32.17 -34.32
C SER F 84 17.55 32.81 -34.38
N LEU F 85 17.42 33.94 -33.66
CA LEU F 85 16.14 34.63 -33.59
C LEU F 85 15.79 35.23 -34.94
N ARG F 86 14.58 34.96 -35.42
CA ARG F 86 14.10 35.50 -36.68
C ARG F 86 13.31 36.78 -36.41
N SER F 87 12.68 37.32 -37.46
CA SER F 87 11.82 38.49 -37.32
C SER F 87 10.39 38.13 -36.94
N GLU F 88 10.07 36.84 -36.91
CA GLU F 88 8.75 36.37 -36.48
C GLU F 88 8.71 36.04 -34.99
N ASP F 89 9.82 36.22 -34.27
CA ASP F 89 9.90 35.94 -32.85
C ASP F 89 9.76 37.18 -31.98
N THR F 90 9.36 38.31 -32.56
CA THR F 90 9.16 39.53 -31.78
C THR F 90 7.77 39.51 -31.17
N ALA F 91 7.70 39.43 -29.84
CA ALA F 91 6.43 39.33 -29.14
C ALA F 91 6.68 39.66 -27.66
N MET F 92 5.62 39.52 -26.85
CA MET F 92 5.71 39.70 -25.40
C MET F 92 5.39 38.35 -24.79
N TYR F 93 6.41 37.68 -24.26
CA TYR F 93 6.25 36.32 -23.77
C TYR F 93 5.69 36.31 -22.36
N TYR F 94 4.67 35.47 -22.15
CA TYR F 94 4.06 35.29 -20.84
C TYR F 94 4.32 33.86 -20.36
N CYS F 95 4.37 33.71 -19.04
CA CYS F 95 4.59 32.42 -18.40
C CYS F 95 3.32 31.99 -17.69
N VAL F 96 2.85 30.79 -18.01
CA VAL F 96 1.59 30.26 -17.49
C VAL F 96 1.87 28.95 -16.76
N ARG F 97 1.32 28.81 -15.56
CA ARG F 97 1.44 27.58 -14.80
C ARG F 97 0.23 26.71 -15.02
N SER F 98 0.41 25.40 -14.83
CA SER F 98 -0.67 24.46 -15.05
C SER F 98 -0.40 23.19 -14.27
N ILE F 99 -1.44 22.66 -13.60
CA ILE F 99 -1.36 21.40 -12.87
C ILE F 99 -2.46 20.49 -13.40
N TYR F 100 -2.13 19.20 -13.54
CA TYR F 100 -3.05 18.23 -14.13
C TYR F 100 -3.29 17.09 -13.15
N TYR F 101 -4.46 17.11 -12.52
CA TYR F 101 -5.03 15.96 -11.83
C TYR F 101 -6.53 16.02 -12.02
N TYR F 102 -7.25 15.08 -11.41
CA TYR F 102 -8.69 15.04 -11.57
C TYR F 102 -9.32 16.22 -10.84
N GLY F 103 -9.94 17.12 -11.60
CA GLY F 103 -10.55 18.31 -11.03
C GLY F 103 -9.65 19.53 -10.96
N SER F 104 -8.55 19.54 -11.68
CA SER F 104 -7.62 20.66 -11.63
C SER F 104 -8.12 21.81 -12.50
N SER F 105 -7.39 22.93 -12.44
CA SER F 105 -7.71 24.14 -13.17
C SER F 105 -6.47 24.62 -13.91
N PRO F 106 -6.15 24.01 -15.06
CA PRO F 106 -4.95 24.41 -15.79
C PRO F 106 -5.06 25.81 -16.36
N PHE F 107 -3.90 26.41 -16.62
CA PHE F 107 -3.80 27.78 -17.15
C PHE F 107 -4.50 28.78 -16.24
N ASP F 108 -4.20 28.71 -14.94
CA ASP F 108 -4.89 29.53 -13.95
C ASP F 108 -4.18 30.84 -13.65
N PHE F 109 -2.86 30.89 -13.72
CA PHE F 109 -2.14 32.11 -13.39
C PHE F 109 -1.15 32.44 -14.50
N TRP F 110 -1.15 33.70 -14.92
CA TRP F 110 -0.27 34.20 -15.96
C TRP F 110 0.67 35.26 -15.38
N GLY F 111 1.85 35.37 -15.97
CA GLY F 111 2.82 36.36 -15.53
C GLY F 111 2.55 37.72 -16.13
N GLN F 112 3.46 38.68 -15.90
CA GLN F 112 3.31 40.03 -16.41
C GLN F 112 3.82 40.20 -17.84
N GLY F 113 4.92 39.53 -18.18
CA GLY F 113 5.40 39.53 -19.54
C GLY F 113 6.65 40.39 -19.71
N THR F 114 7.47 39.99 -20.68
CA THR F 114 8.66 40.74 -21.07
C THR F 114 8.60 41.02 -22.56
N THR F 115 8.83 42.28 -22.94
CA THR F 115 8.80 42.68 -24.33
C THR F 115 10.10 42.31 -25.01
N LEU F 116 10.01 41.62 -26.15
CA LEU F 116 11.17 41.22 -26.93
C LEU F 116 10.99 41.72 -28.35
N THR F 117 11.85 42.66 -28.76
CA THR F 117 11.79 43.27 -30.09
C THR F 117 13.06 42.92 -30.84
N VAL F 118 12.90 42.39 -32.05
CA VAL F 118 14.02 42.11 -32.93
C VAL F 118 13.96 43.08 -34.10
N SER F 119 15.13 43.37 -34.67
CA SER F 119 15.22 44.30 -35.79
C SER F 119 14.84 43.60 -37.09
N ALA F 120 14.67 44.39 -38.15
CA ALA F 120 14.29 43.86 -39.45
C ALA F 120 15.14 44.47 -40.56
N ALA F 136 -2.71 19.64 -39.65
CA ALA F 136 -3.11 18.66 -38.65
C ALA F 136 -3.51 19.33 -37.34
N ASP F 137 -3.05 20.57 -37.15
CA ASP F 137 -3.39 21.33 -35.96
C ASP F 137 -4.86 21.73 -35.97
N ILE F 138 -5.45 21.76 -34.78
CA ILE F 138 -6.85 22.16 -34.65
C ILE F 138 -6.95 23.67 -34.76
N VAL F 139 -7.81 24.14 -35.65
CA VAL F 139 -7.98 25.57 -35.91
C VAL F 139 -9.23 26.04 -35.19
N MET F 140 -9.11 27.15 -34.47
CA MET F 140 -10.21 27.74 -33.72
C MET F 140 -10.62 29.04 -34.38
N THR F 141 -11.91 29.15 -34.71
CA THR F 141 -12.43 30.29 -35.45
C THR F 141 -13.27 31.14 -34.53
N GLN F 142 -12.86 32.39 -34.33
CA GLN F 142 -13.63 33.40 -33.60
C GLN F 142 -13.85 34.54 -34.58
N ALA F 143 -14.91 34.42 -35.38
CA ALA F 143 -15.13 35.35 -36.49
C ALA F 143 -15.40 36.77 -36.01
N THR F 144 -16.21 36.94 -34.98
CA THR F 144 -16.59 38.26 -34.52
C THR F 144 -15.41 38.91 -33.80
N SER F 145 -14.73 39.83 -34.48
CA SER F 145 -13.56 40.49 -33.91
C SER F 145 -13.92 41.61 -32.95
N SER F 146 -15.12 42.18 -33.06
CA SER F 146 -15.52 43.29 -32.19
C SER F 146 -17.03 43.29 -32.02
N VAL F 147 -17.48 43.80 -30.88
CA VAL F 147 -18.90 43.91 -30.58
C VAL F 147 -19.18 45.25 -29.91
N PRO F 148 -20.06 46.07 -30.45
CA PRO F 148 -20.50 47.27 -29.73
C PRO F 148 -21.37 46.86 -28.54
N VAL F 149 -21.04 47.40 -27.37
CA VAL F 149 -21.65 46.95 -26.12
C VAL F 149 -22.09 48.15 -25.30
N THR F 150 -23.05 47.91 -24.41
CA THR F 150 -23.50 48.86 -23.41
C THR F 150 -23.57 48.16 -22.07
N PRO F 151 -23.23 48.86 -20.98
CA PRO F 151 -23.23 48.21 -19.66
C PRO F 151 -24.64 47.86 -19.20
N GLY F 152 -24.87 46.57 -18.96
CA GLY F 152 -26.14 46.11 -18.46
C GLY F 152 -26.77 45.01 -19.28
N GLU F 153 -26.45 44.95 -20.57
CA GLU F 153 -27.05 43.98 -21.47
C GLU F 153 -26.28 42.66 -21.41
N SER F 154 -26.92 41.61 -21.93
CA SER F 154 -26.29 40.30 -21.98
C SER F 154 -25.50 40.15 -23.27
N VAL F 155 -24.28 39.61 -23.16
CA VAL F 155 -23.38 39.45 -24.29
C VAL F 155 -23.04 37.98 -24.45
N SER F 156 -23.14 37.50 -25.68
CA SER F 156 -22.78 36.13 -26.02
C SER F 156 -21.63 36.15 -27.02
N ILE F 157 -20.56 35.41 -26.67
CA ILE F 157 -19.36 35.34 -27.49
C ILE F 157 -19.14 33.89 -27.86
N SER F 158 -18.98 33.61 -29.15
CA SER F 158 -18.87 32.25 -29.65
C SER F 158 -17.50 31.99 -30.25
N CYS F 159 -17.13 30.71 -30.27
CA CYS F 159 -15.89 30.25 -30.88
C CYS F 159 -16.14 28.86 -31.46
N ARG F 160 -15.62 28.63 -32.67
CA ARG F 160 -15.84 27.39 -33.38
C ARG F 160 -14.55 26.56 -33.42
N SER F 161 -14.71 25.27 -33.72
CA SER F 161 -13.61 24.33 -33.77
C SER F 161 -13.73 23.46 -35.00
N SER F 162 -12.62 22.83 -35.38
CA SER F 162 -12.57 21.93 -36.52
C SER F 162 -12.78 20.47 -36.11
N LYS F 163 -12.07 20.01 -35.09
CA LYS F 163 -12.23 18.66 -34.58
C LYS F 163 -13.12 18.66 -33.34
N SER F 164 -13.75 17.52 -33.10
CA SER F 164 -14.61 17.38 -31.94
C SER F 164 -13.77 17.29 -30.67
N LEU F 165 -13.99 18.24 -29.76
CA LEU F 165 -13.24 18.29 -28.52
C LEU F 165 -13.82 17.41 -27.42
N LEU F 166 -14.93 16.72 -27.69
CA LEU F 166 -15.56 15.86 -26.70
C LEU F 166 -14.88 14.50 -26.73
N HIS F 167 -14.03 14.25 -25.72
CA HIS F 167 -13.32 12.99 -25.61
C HIS F 167 -14.27 11.89 -25.14
N SER F 168 -13.81 10.64 -25.21
CA SER F 168 -14.61 9.52 -24.74
C SER F 168 -14.80 9.55 -23.23
N ASN F 169 -13.95 10.27 -22.49
CA ASN F 169 -14.13 10.39 -21.05
C ASN F 169 -15.38 11.17 -20.71
N GLY F 170 -15.73 12.17 -21.51
CA GLY F 170 -16.85 13.05 -21.24
C GLY F 170 -16.46 14.50 -21.03
N ASN F 171 -15.18 14.83 -21.17
CA ASN F 171 -14.72 16.19 -20.96
C ASN F 171 -14.52 16.89 -22.30
N THR F 172 -15.02 18.12 -22.40
CA THR F 172 -14.86 18.95 -23.59
C THR F 172 -13.78 19.97 -23.29
N TYR F 173 -12.60 19.76 -23.87
CA TYR F 173 -11.42 20.56 -23.57
C TYR F 173 -11.49 21.89 -24.33
N LEU F 174 -12.17 22.86 -23.73
CA LEU F 174 -12.20 24.22 -24.23
C LEU F 174 -11.96 25.18 -23.07
N TYR F 175 -11.14 26.20 -23.30
CA TYR F 175 -10.77 27.16 -22.27
C TYR F 175 -11.03 28.57 -22.77
N TRP F 176 -11.38 29.45 -21.83
CA TRP F 176 -11.68 30.86 -22.13
C TRP F 176 -10.76 31.75 -21.32
N PHE F 177 -10.32 32.85 -21.91
CA PHE F 177 -9.42 33.78 -21.24
C PHE F 177 -9.84 35.22 -21.48
N LEU F 178 -9.51 36.08 -20.52
CA LEU F 178 -9.76 37.50 -20.58
C LEU F 178 -8.46 38.28 -20.50
N GLN F 179 -8.28 39.23 -21.41
CA GLN F 179 -7.09 40.08 -21.41
C GLN F 179 -7.55 41.54 -21.32
N ARG F 180 -7.44 42.11 -20.13
CA ARG F 180 -7.80 43.51 -19.94
C ARG F 180 -6.75 44.41 -20.59
N PRO F 181 -7.11 45.63 -20.96
CA PRO F 181 -6.15 46.56 -21.58
C PRO F 181 -4.99 46.85 -20.64
N GLY F 182 -3.78 46.53 -21.08
CA GLY F 182 -2.59 46.73 -20.29
C GLY F 182 -2.33 45.67 -19.24
N GLN F 183 -3.01 44.53 -19.30
CA GLN F 183 -2.88 43.47 -18.31
C GLN F 183 -2.61 42.15 -19.02
N SER F 184 -2.51 41.09 -18.23
CA SER F 184 -2.22 39.73 -18.68
C SER F 184 -3.50 38.92 -18.78
N PRO F 185 -3.51 37.89 -19.61
CA PRO F 185 -4.69 37.02 -19.71
C PRO F 185 -5.03 36.36 -18.38
N GLN F 186 -6.33 36.20 -18.15
CA GLN F 186 -6.85 35.63 -16.93
C GLN F 186 -7.87 34.55 -17.26
N LEU F 187 -7.79 33.42 -16.58
CA LEU F 187 -8.70 32.31 -16.85
C LEU F 187 -10.11 32.63 -16.39
N LEU F 188 -11.09 32.25 -17.20
CA LEU F 188 -12.49 32.39 -16.85
C LEU F 188 -13.19 31.04 -16.73
N ILE F 189 -13.17 30.23 -17.79
CA ILE F 189 -13.87 28.95 -17.83
C ILE F 189 -12.90 27.89 -18.33
N TYR F 190 -12.86 26.76 -17.63
CA TYR F 190 -12.08 25.61 -18.06
C TYR F 190 -12.99 24.42 -18.30
N ARG F 191 -12.72 23.71 -19.40
CA ARG F 191 -13.54 22.57 -19.85
C ARG F 191 -14.99 22.97 -20.11
N MET F 192 -15.18 24.21 -20.57
CA MET F 192 -16.41 24.69 -21.20
C MET F 192 -17.54 24.90 -20.21
N SER F 193 -17.39 24.42 -18.97
CA SER F 193 -18.50 24.49 -18.02
C SER F 193 -18.11 24.95 -16.63
N ASN F 194 -16.84 24.87 -16.23
CA ASN F 194 -16.45 25.13 -14.86
C ASN F 194 -15.86 26.52 -14.74
N LEU F 195 -16.30 27.27 -13.73
CA LEU F 195 -15.80 28.62 -13.52
C LEU F 195 -14.46 28.60 -12.78
N ALA F 196 -13.61 29.57 -13.11
CA ALA F 196 -12.34 29.71 -12.43
C ALA F 196 -12.54 30.42 -11.09
N SER F 197 -11.56 30.25 -10.21
CA SER F 197 -11.64 30.84 -8.87
C SER F 197 -11.56 32.36 -8.95
N GLY F 198 -12.37 33.03 -8.15
CA GLY F 198 -12.37 34.48 -8.12
C GLY F 198 -13.11 35.16 -9.25
N VAL F 199 -13.78 34.41 -10.10
CA VAL F 199 -14.52 34.93 -11.24
C VAL F 199 -15.98 35.12 -10.81
N PRO F 200 -16.59 36.26 -11.09
CA PRO F 200 -18.00 36.45 -10.74
C PRO F 200 -18.90 35.45 -11.47
N ASP F 201 -20.02 35.15 -10.85
CA ASP F 201 -20.93 34.11 -11.31
C ASP F 201 -21.73 34.51 -12.54
N ARG F 202 -21.61 35.75 -13.00
CA ARG F 202 -22.31 36.19 -14.20
C ARG F 202 -21.73 35.59 -15.48
N PHE F 203 -20.60 34.90 -15.40
CA PHE F 203 -20.00 34.23 -16.54
C PHE F 203 -20.47 32.78 -16.57
N SER F 204 -21.02 32.36 -17.71
CA SER F 204 -21.49 31.00 -17.87
C SER F 204 -21.03 30.47 -19.23
N GLY F 205 -20.60 29.22 -19.25
CA GLY F 205 -20.14 28.59 -20.48
C GLY F 205 -20.98 27.40 -20.86
N SER F 206 -21.23 27.23 -22.15
CA SER F 206 -22.04 26.12 -22.65
C SER F 206 -21.53 25.74 -24.04
N GLY F 207 -22.23 24.81 -24.67
CA GLY F 207 -21.92 24.36 -26.00
C GLY F 207 -21.82 22.86 -26.07
N SER F 208 -21.74 22.35 -27.29
CA SER F 208 -21.61 20.91 -27.53
C SER F 208 -20.93 20.70 -28.87
N GLY F 209 -20.21 19.58 -28.97
CA GLY F 209 -19.55 19.21 -30.19
C GLY F 209 -18.41 20.14 -30.59
N THR F 210 -18.59 20.88 -31.68
CA THR F 210 -17.56 21.77 -32.20
C THR F 210 -17.98 23.23 -32.19
N ALA F 211 -19.10 23.56 -31.54
CA ALA F 211 -19.57 24.93 -31.45
C ALA F 211 -19.75 25.30 -29.98
N PHE F 212 -19.25 26.47 -29.61
CA PHE F 212 -19.26 26.89 -28.21
C PHE F 212 -19.67 28.35 -28.12
N THR F 213 -20.16 28.74 -26.94
CA THR F 213 -20.55 30.11 -26.69
C THR F 213 -20.31 30.44 -25.22
N LEU F 214 -20.09 31.72 -24.95
CA LEU F 214 -19.90 32.23 -23.60
C LEU F 214 -20.85 33.40 -23.37
N THR F 215 -21.59 33.36 -22.29
CA THR F 215 -22.62 34.35 -22.00
C THR F 215 -22.32 35.09 -20.71
N ILE F 216 -22.53 36.40 -20.74
CA ILE F 216 -22.39 37.27 -19.57
C ILE F 216 -23.76 37.90 -19.30
N SER F 217 -24.20 37.83 -18.05
CA SER F 217 -25.54 38.31 -17.71
C SER F 217 -25.58 39.84 -17.65
N ARG F 218 -24.82 40.42 -16.72
CA ARG F 218 -24.81 41.87 -16.51
C ARG F 218 -23.39 42.37 -16.67
N LEU F 219 -23.12 43.09 -17.76
CA LEU F 219 -21.79 43.59 -18.06
C LEU F 219 -21.50 44.87 -17.29
N GLU F 220 -20.29 44.95 -16.74
CA GLU F 220 -19.81 46.14 -16.04
C GLU F 220 -18.65 46.76 -16.83
N ALA F 221 -18.08 47.82 -16.27
CA ALA F 221 -16.99 48.54 -16.90
C ALA F 221 -15.65 47.83 -16.75
N GLU F 222 -15.58 46.76 -15.95
CA GLU F 222 -14.36 45.99 -15.78
C GLU F 222 -14.31 44.73 -16.62
N ASP F 223 -15.30 44.49 -17.47
CA ASP F 223 -15.33 43.32 -18.34
C ASP F 223 -14.85 43.61 -19.75
N VAL F 224 -14.38 44.82 -20.02
CA VAL F 224 -13.89 45.16 -21.35
C VAL F 224 -12.52 44.52 -21.57
N GLY F 225 -12.29 44.06 -22.78
CA GLY F 225 -11.05 43.39 -23.13
C GLY F 225 -11.25 42.50 -24.34
N VAL F 226 -10.34 41.54 -24.48
CA VAL F 226 -10.34 40.60 -25.59
C VAL F 226 -10.55 39.19 -25.05
N TYR F 227 -11.39 38.42 -25.72
CA TYR F 227 -11.76 37.07 -25.30
C TYR F 227 -11.10 36.07 -26.23
N TYR F 228 -10.43 35.07 -25.65
CA TYR F 228 -9.71 34.07 -26.42
C TYR F 228 -10.24 32.68 -26.09
N CYS F 229 -10.26 31.82 -27.09
CA CYS F 229 -10.67 30.42 -26.95
C CYS F 229 -9.49 29.53 -27.28
N MET F 230 -9.25 28.54 -26.42
CA MET F 230 -8.13 27.63 -26.59
C MET F 230 -8.59 26.19 -26.43
N GLN F 231 -7.95 25.29 -27.18
CA GLN F 231 -8.20 23.87 -27.07
C GLN F 231 -7.04 23.19 -26.35
N HIS F 232 -7.32 22.05 -25.73
CA HIS F 232 -6.31 21.30 -25.01
C HIS F 232 -6.46 19.80 -25.23
N LEU F 233 -7.18 19.41 -26.28
CA LEU F 233 -7.34 17.99 -26.59
C LEU F 233 -6.01 17.34 -26.95
N GLU F 234 -5.19 18.00 -27.76
CA GLU F 234 -3.91 17.46 -28.17
C GLU F 234 -2.97 18.61 -28.48
N TYR F 235 -1.67 18.33 -28.39
CA TYR F 235 -0.71 19.37 -28.71
C TYR F 235 -0.50 19.46 -30.22
N PRO F 236 -0.19 20.64 -30.76
CA PRO F 236 0.02 21.91 -30.07
C PRO F 236 -1.28 22.58 -29.64
N LEU F 237 -1.25 23.37 -28.57
CA LEU F 237 -2.43 24.08 -28.10
C LEU F 237 -2.59 25.36 -28.91
N THR F 238 -3.63 25.42 -29.72
CA THR F 238 -3.86 26.56 -30.61
C THR F 238 -4.89 27.48 -30.00
N PHE F 239 -4.59 28.77 -30.01
CA PHE F 239 -5.49 29.78 -29.47
C PHE F 239 -6.43 30.27 -30.57
N GLY F 240 -7.25 31.26 -30.24
CA GLY F 240 -8.17 31.86 -31.18
C GLY F 240 -7.63 33.15 -31.77
N ALA F 241 -8.54 33.96 -32.30
CA ALA F 241 -8.19 35.25 -32.87
C ALA F 241 -8.58 36.42 -31.99
N GLY F 242 -9.46 36.23 -31.03
CA GLY F 242 -9.84 37.30 -30.12
C GLY F 242 -11.13 37.99 -30.53
N THR F 243 -11.82 38.52 -29.53
CA THR F 243 -13.04 39.29 -29.75
C THR F 243 -12.99 40.51 -28.84
N LYS F 244 -12.88 41.70 -29.43
CA LYS F 244 -12.85 42.92 -28.66
C LYS F 244 -14.24 43.26 -28.15
N LEU F 245 -14.30 43.87 -26.96
CA LEU F 245 -15.56 44.20 -26.31
C LEU F 245 -15.51 45.64 -25.81
N GLU F 246 -15.08 46.55 -26.68
CA GLU F 246 -15.04 47.96 -26.32
C GLU F 246 -16.45 48.52 -26.17
N LEU F 247 -16.55 49.57 -25.36
CA LEU F 247 -17.84 50.21 -25.10
C LEU F 247 -17.89 51.60 -25.72
#